data_1OQU
#
_entry.id   1OQU
#
_cell.length_a   49.319
_cell.length_b   91.237
_cell.length_c   136.956
_cell.angle_alpha   90.00
_cell.angle_beta   91.459
_cell.angle_gamma   90.00
#
_symmetry.space_group_name_H-M   'P 1 21 1'
#
loop_
_entity.id
_entity.type
_entity.pdbx_description
1 polymer 'ribonucleotide reductase subunit R2F'
2 non-polymer 'FE (III) ION'
3 non-polymer 'OXYGEN MOLECULE'
4 non-polymer 'ACETATE ION'
5 water water
#
_entity_poly.entity_id   1
_entity_poly.type   'polypeptide(L)'
_entity_poly.pdbx_seq_one_letter_code
;MSNEYDEYIANHTDPVKAINWNVIPDEKDLEVWDRLTGNFWLPEKIPVSNDIQSWNKMTPQEQLATMRVFTGLTLLDTIQ
GTVGAISLLPDAETMHEEAVYTNIAFMESVHAKSYSNIFMTLASTPQINEAFRWSEENENLQRKAKIIMSYYNGDDPLKK
KVASTLLESFLFYSGFYLPMYLSSRAKLTNTADIIRLIIRDESVHGYYIGYKYQQGVKKLSEAEQEEYKAYTFDLMYDLY
ENEIEYTEDIYDDLGWTEDVKRFLRYNANKALNNLGYEGLFPTDETKVSPAILSSLSPNADENHDFFSGSGSSYVIGKAE
DTTDDDWDF
;
_entity_poly.pdbx_strand_id   A,B,C,D
#
# COMPACT_ATOMS: atom_id res chain seq x y z
N SER A 2 -44.96 -37.65 -15.33
CA SER A 2 -46.40 -37.78 -14.98
C SER A 2 -46.55 -38.63 -13.72
N ASN A 3 -45.49 -39.36 -13.40
CA ASN A 3 -45.48 -40.24 -12.24
C ASN A 3 -44.34 -39.81 -11.31
N GLU A 4 -43.22 -39.44 -11.91
CA GLU A 4 -42.02 -39.02 -11.18
C GLU A 4 -42.18 -38.19 -9.90
N TYR A 5 -43.05 -37.18 -9.93
CA TYR A 5 -43.25 -36.31 -8.78
C TYR A 5 -44.35 -36.78 -7.83
N ASP A 6 -44.76 -38.05 -7.95
CA ASP A 6 -45.81 -38.59 -7.10
C ASP A 6 -45.45 -38.84 -5.64
N GLU A 7 -44.27 -39.38 -5.37
CA GLU A 7 -43.91 -39.64 -3.98
C GLU A 7 -43.76 -38.33 -3.20
N TYR A 8 -43.20 -37.32 -3.85
CA TYR A 8 -43.00 -36.02 -3.22
C TYR A 8 -44.34 -35.44 -2.77
N ILE A 9 -45.34 -35.50 -3.64
CA ILE A 9 -46.65 -34.99 -3.26
C ILE A 9 -47.14 -35.82 -2.10
N ALA A 10 -47.16 -37.13 -2.32
CA ALA A 10 -47.60 -38.11 -1.33
C ALA A 10 -47.14 -37.74 0.07
N ASN A 11 -45.85 -37.48 0.22
CA ASN A 11 -45.28 -37.15 1.52
C ASN A 11 -45.54 -35.73 1.98
N HIS A 12 -45.72 -34.82 1.03
CA HIS A 12 -45.98 -33.42 1.38
C HIS A 12 -47.45 -33.08 1.18
N THR A 13 -48.26 -33.61 2.09
CA THR A 13 -49.69 -33.41 2.04
C THR A 13 -50.14 -32.10 2.68
N ASP A 14 -49.19 -31.26 3.10
CA ASP A 14 -49.54 -29.97 3.67
C ASP A 14 -49.61 -28.92 2.55
N PRO A 15 -50.56 -27.98 2.67
CA PRO A 15 -50.75 -26.93 1.67
C PRO A 15 -49.60 -25.95 1.56
N VAL A 16 -49.22 -25.63 0.33
CA VAL A 16 -48.16 -24.65 0.14
C VAL A 16 -48.90 -23.34 0.38
N LYS A 17 -48.31 -22.46 1.17
CA LYS A 17 -48.96 -21.21 1.51
C LYS A 17 -48.39 -20.02 0.75
N ALA A 18 -49.27 -19.07 0.47
CA ALA A 18 -48.92 -17.85 -0.25
C ALA A 18 -48.61 -16.84 0.84
N ILE A 19 -47.73 -15.88 0.59
CA ILE A 19 -47.45 -14.91 1.64
C ILE A 19 -48.55 -13.89 1.73
N ASN A 20 -48.92 -13.50 2.95
CA ASN A 20 -49.99 -12.51 3.14
C ASN A 20 -49.46 -11.32 3.93
N TRP A 21 -49.24 -10.20 3.28
CA TRP A 21 -48.75 -9.02 4.00
C TRP A 21 -49.87 -8.27 4.74
N ASN A 22 -51.09 -8.79 4.64
CA ASN A 22 -52.25 -8.21 5.33
C ASN A 22 -52.21 -8.63 6.80
N VAL A 23 -51.58 -9.78 7.06
CA VAL A 23 -51.43 -10.34 8.40
C VAL A 23 -49.94 -10.51 8.72
N ILE A 24 -49.39 -9.65 9.58
CA ILE A 24 -47.95 -9.72 9.94
C ILE A 24 -47.75 -10.22 11.38
N PRO A 25 -47.36 -11.47 11.57
CA PRO A 25 -47.19 -11.86 12.98
C PRO A 25 -46.03 -11.15 13.73
N ASP A 26 -44.96 -10.76 13.03
CA ASP A 26 -43.87 -10.05 13.70
C ASP A 26 -43.72 -8.72 12.99
N GLU A 27 -44.15 -7.64 13.64
CA GLU A 27 -44.08 -6.30 13.07
C GLU A 27 -42.67 -5.88 12.64
N LYS A 28 -41.64 -6.44 13.28
CA LYS A 28 -40.27 -6.10 12.92
C LYS A 28 -39.95 -6.45 11.47
N ASP A 29 -40.54 -7.55 10.97
CA ASP A 29 -40.31 -7.98 9.61
C ASP A 29 -40.74 -6.92 8.61
N LEU A 30 -41.90 -6.31 8.85
CA LEU A 30 -42.42 -5.26 7.98
C LEU A 30 -41.56 -4.02 8.08
N GLU A 31 -41.17 -3.66 9.31
CA GLU A 31 -40.30 -2.50 9.54
C GLU A 31 -38.97 -2.65 8.81
N VAL A 32 -38.38 -3.85 8.87
CA VAL A 32 -37.09 -4.04 8.21
C VAL A 32 -37.30 -4.07 6.69
N TRP A 33 -38.33 -4.76 6.23
CA TRP A 33 -38.60 -4.75 4.80
C TRP A 33 -38.75 -3.32 4.28
N ASP A 34 -39.56 -2.48 4.94
CA ASP A 34 -39.75 -1.13 4.42
C ASP A 34 -38.44 -0.37 4.44
N ARG A 35 -37.68 -0.56 5.51
CA ARG A 35 -36.41 0.12 5.63
C ARG A 35 -35.43 -0.31 4.53
N LEU A 36 -35.29 -1.61 4.32
CA LEU A 36 -34.33 -2.08 3.32
C LEU A 36 -34.74 -1.74 1.91
N THR A 37 -36.02 -1.92 1.57
CA THR A 37 -36.44 -1.59 0.21
C THR A 37 -36.42 -0.10 -0.03
N GLY A 38 -36.79 0.67 0.99
CA GLY A 38 -36.75 2.12 0.86
C GLY A 38 -35.31 2.56 0.66
N ASN A 39 -34.32 1.79 1.14
CA ASN A 39 -32.94 2.20 0.95
C ASN A 39 -32.27 1.65 -0.30
N PHE A 40 -33.06 1.10 -1.22
CA PHE A 40 -32.52 0.55 -2.47
C PHE A 40 -31.57 1.54 -3.16
N TRP A 41 -30.44 1.05 -3.66
CA TRP A 41 -29.51 1.88 -4.39
C TRP A 41 -28.68 0.98 -5.31
N LEU A 42 -28.05 1.60 -6.32
CA LEU A 42 -27.17 0.91 -7.28
C LEU A 42 -25.91 1.79 -7.37
N PRO A 43 -24.72 1.17 -7.47
CA PRO A 43 -23.45 1.90 -7.55
C PRO A 43 -23.33 2.87 -8.72
N GLU A 44 -24.07 2.60 -9.79
CA GLU A 44 -24.05 3.46 -10.96
C GLU A 44 -24.52 4.86 -10.61
N LYS A 45 -25.28 4.97 -9.53
CA LYS A 45 -25.81 6.25 -9.08
C LYS A 45 -24.81 7.24 -8.47
N ILE A 46 -23.63 6.77 -8.08
CA ILE A 46 -22.61 7.63 -7.47
C ILE A 46 -21.47 7.91 -8.45
N PRO A 47 -21.09 9.19 -8.61
CA PRO A 47 -20.02 9.63 -9.51
C PRO A 47 -18.60 9.23 -9.09
N VAL A 48 -18.33 7.93 -9.07
CA VAL A 48 -17.01 7.47 -8.66
C VAL A 48 -15.89 8.05 -9.52
N SER A 49 -16.17 8.28 -10.80
CA SER A 49 -15.15 8.81 -11.71
C SER A 49 -14.56 10.13 -11.20
N ASN A 50 -15.34 10.84 -10.40
CA ASN A 50 -14.83 12.08 -9.83
C ASN A 50 -13.73 11.88 -8.77
N ASP A 51 -13.45 10.63 -8.37
CA ASP A 51 -12.37 10.34 -7.40
C ASP A 51 -11.06 10.08 -8.12
N ILE A 52 -11.07 10.13 -9.45
CA ILE A 52 -9.84 9.82 -10.16
C ILE A 52 -8.64 10.70 -9.76
N GLN A 53 -8.86 12.00 -9.60
CA GLN A 53 -7.78 12.90 -9.18
C GLN A 53 -7.21 12.49 -7.81
N SER A 54 -8.10 12.25 -6.87
CA SER A 54 -7.69 11.86 -5.51
C SER A 54 -6.92 10.54 -5.54
N TRP A 55 -7.44 9.57 -6.27
CA TRP A 55 -6.84 8.28 -6.39
C TRP A 55 -5.39 8.39 -6.91
N ASN A 56 -5.22 9.10 -8.01
CA ASN A 56 -3.89 9.27 -8.59
C ASN A 56 -2.92 9.96 -7.64
N LYS A 57 -3.41 10.83 -6.77
CA LYS A 57 -2.53 11.49 -5.83
C LYS A 57 -2.11 10.55 -4.70
N MET A 58 -2.85 9.46 -4.49
CA MET A 58 -2.52 8.52 -3.43
C MET A 58 -1.21 7.77 -3.67
N THR A 59 -0.50 7.45 -2.60
CA THR A 59 0.76 6.72 -2.72
C THR A 59 0.48 5.29 -3.16
N PRO A 60 1.50 4.60 -3.69
CA PRO A 60 1.32 3.21 -4.13
C PRO A 60 0.87 2.32 -2.95
N GLN A 61 1.33 2.64 -1.75
CA GLN A 61 0.95 1.88 -0.57
C GLN A 61 -0.52 2.07 -0.25
N GLU A 62 -0.99 3.31 -0.31
CA GLU A 62 -2.40 3.57 -0.03
C GLU A 62 -3.24 2.87 -1.07
N GLN A 63 -2.82 2.91 -2.33
CA GLN A 63 -3.59 2.25 -3.42
C GLN A 63 -3.69 0.74 -3.25
N LEU A 64 -2.54 0.13 -2.91
CA LEU A 64 -2.42 -1.28 -2.70
C LEU A 64 -3.30 -1.75 -1.55
N ALA A 65 -3.28 -1.01 -0.45
CA ALA A 65 -4.11 -1.34 0.69
C ALA A 65 -5.60 -1.20 0.26
N THR A 66 -5.93 -0.14 -0.45
CA THR A 66 -7.32 0.04 -0.89
C THR A 66 -7.79 -1.12 -1.77
N MET A 67 -6.95 -1.55 -2.71
CA MET A 67 -7.32 -2.65 -3.60
C MET A 67 -7.55 -3.90 -2.79
N ARG A 68 -6.64 -4.18 -1.87
CA ARG A 68 -6.78 -5.36 -1.04
C ARG A 68 -8.00 -5.29 -0.12
N VAL A 69 -8.22 -4.17 0.56
CA VAL A 69 -9.40 -4.18 1.45
C VAL A 69 -10.69 -4.36 0.65
N PHE A 70 -10.81 -3.76 -0.55
CA PHE A 70 -12.05 -3.92 -1.32
C PHE A 70 -12.26 -5.33 -1.90
N THR A 71 -11.17 -6.02 -2.20
CA THR A 71 -11.30 -7.37 -2.72
C THR A 71 -11.72 -8.25 -1.54
N GLY A 72 -11.21 -7.91 -0.36
CA GLY A 72 -11.61 -8.66 0.82
C GLY A 72 -13.11 -8.46 1.10
N LEU A 73 -13.53 -7.19 1.04
CA LEU A 73 -14.93 -6.83 1.24
C LEU A 73 -15.78 -7.52 0.15
N THR A 74 -15.31 -7.54 -1.09
CA THR A 74 -16.07 -8.19 -2.18
C THR A 74 -16.30 -9.65 -1.85
N LEU A 75 -15.27 -10.33 -1.37
CA LEU A 75 -15.38 -11.75 -1.03
C LEU A 75 -16.44 -12.00 0.07
N LEU A 76 -16.44 -11.17 1.11
CA LEU A 76 -17.42 -11.36 2.16
C LEU A 76 -18.86 -11.16 1.63
N ASP A 77 -19.07 -10.16 0.77
CA ASP A 77 -20.41 -9.92 0.21
C ASP A 77 -20.87 -11.02 -0.72
N THR A 78 -19.91 -11.57 -1.49
CA THR A 78 -20.20 -12.68 -2.41
C THR A 78 -20.76 -13.85 -1.59
N ILE A 79 -20.06 -14.18 -0.51
CA ILE A 79 -20.47 -15.24 0.39
C ILE A 79 -21.83 -14.95 0.99
N GLN A 80 -21.96 -13.78 1.59
CA GLN A 80 -23.21 -13.43 2.26
C GLN A 80 -24.38 -13.47 1.25
N GLY A 81 -24.17 -12.96 0.05
CA GLY A 81 -25.23 -12.93 -0.94
C GLY A 81 -25.58 -14.26 -1.57
N THR A 82 -24.60 -15.10 -1.85
CA THR A 82 -24.94 -16.35 -2.48
C THR A 82 -24.98 -17.55 -1.58
N VAL A 83 -24.52 -17.41 -0.35
CA VAL A 83 -24.52 -18.54 0.56
C VAL A 83 -25.16 -18.22 1.89
N GLY A 84 -24.79 -17.06 2.43
CA GLY A 84 -25.30 -16.69 3.75
C GLY A 84 -26.78 -16.40 3.93
N ALA A 85 -27.25 -15.31 3.34
CA ALA A 85 -28.66 -14.95 3.51
C ALA A 85 -29.52 -16.13 3.12
N ILE A 86 -29.11 -16.82 2.06
CA ILE A 86 -29.86 -17.97 1.56
C ILE A 86 -29.99 -19.08 2.59
N SER A 87 -28.89 -19.39 3.27
CA SER A 87 -28.94 -20.46 4.25
C SER A 87 -29.87 -20.14 5.40
N LEU A 88 -30.32 -18.90 5.50
CA LEU A 88 -31.24 -18.57 6.61
C LEU A 88 -32.73 -18.75 6.27
N LEU A 89 -33.08 -18.81 4.97
CA LEU A 89 -34.48 -18.96 4.58
C LEU A 89 -35.20 -20.12 5.26
N PRO A 90 -34.62 -21.33 5.20
CA PRO A 90 -35.28 -22.48 5.82
C PRO A 90 -35.57 -22.42 7.31
N ASP A 91 -34.91 -21.52 8.03
CA ASP A 91 -35.10 -21.41 9.48
C ASP A 91 -35.96 -20.22 9.90
N ALA A 92 -36.51 -19.51 8.92
CA ALA A 92 -37.33 -18.35 9.20
C ALA A 92 -38.55 -18.67 10.05
N GLU A 93 -38.93 -17.76 10.93
CA GLU A 93 -40.10 -17.95 11.79
C GLU A 93 -41.38 -17.50 11.08
N THR A 94 -41.24 -16.62 10.11
CA THR A 94 -42.40 -16.11 9.38
C THR A 94 -42.05 -16.07 7.92
N MET A 95 -43.03 -15.94 7.04
CA MET A 95 -42.74 -15.88 5.61
C MET A 95 -42.24 -14.49 5.25
N HIS A 96 -42.65 -13.47 6.00
CA HIS A 96 -42.19 -12.11 5.70
C HIS A 96 -40.68 -12.03 5.98
N GLU A 97 -40.21 -12.78 6.97
CA GLU A 97 -38.78 -12.84 7.29
C GLU A 97 -38.06 -13.46 6.06
N GLU A 98 -38.66 -14.48 5.44
CA GLU A 98 -38.06 -15.06 4.24
C GLU A 98 -37.91 -14.03 3.16
N ALA A 99 -38.96 -13.22 2.98
CA ALA A 99 -38.97 -12.14 2.01
C ALA A 99 -37.81 -11.18 2.31
N VAL A 100 -37.58 -10.86 3.58
CA VAL A 100 -36.49 -9.97 3.96
C VAL A 100 -35.15 -10.55 3.57
N TYR A 101 -34.93 -11.83 3.84
CA TYR A 101 -33.69 -12.46 3.44
C TYR A 101 -33.45 -12.40 1.91
N THR A 102 -34.49 -12.48 1.08
CA THR A 102 -34.27 -12.38 -0.39
C THR A 102 -33.75 -10.96 -0.71
N ASN A 103 -34.29 -9.93 -0.06
CA ASN A 103 -33.75 -8.58 -0.26
C ASN A 103 -32.27 -8.50 0.22
N ILE A 104 -31.97 -9.09 1.37
CA ILE A 104 -30.57 -9.08 1.86
C ILE A 104 -29.66 -9.75 0.83
N ALA A 105 -30.05 -10.94 0.34
CA ALA A 105 -29.26 -11.63 -0.66
C ALA A 105 -28.98 -10.75 -1.86
N PHE A 106 -30.02 -10.12 -2.39
CA PHE A 106 -29.83 -9.24 -3.54
C PHE A 106 -28.95 -8.00 -3.21
N MET A 107 -29.16 -7.37 -2.07
CA MET A 107 -28.35 -6.19 -1.78
C MET A 107 -26.86 -6.59 -1.59
N GLU A 108 -26.58 -7.79 -1.08
CA GLU A 108 -25.19 -8.24 -0.94
C GLU A 108 -24.57 -8.32 -2.36
N SER A 109 -25.35 -8.78 -3.35
CA SER A 109 -24.80 -8.80 -4.72
C SER A 109 -24.61 -7.39 -5.21
N VAL A 110 -25.47 -6.46 -4.84
CA VAL A 110 -25.27 -5.08 -5.28
C VAL A 110 -23.98 -4.54 -4.60
N HIS A 111 -23.77 -4.86 -3.33
CA HIS A 111 -22.57 -4.43 -2.61
C HIS A 111 -21.32 -4.92 -3.33
N ALA A 112 -21.26 -6.23 -3.59
CA ALA A 112 -20.12 -6.84 -4.25
C ALA A 112 -19.88 -6.19 -5.60
N LYS A 113 -20.96 -5.94 -6.33
CA LYS A 113 -20.80 -5.31 -7.63
C LYS A 113 -20.23 -3.89 -7.48
N SER A 114 -20.60 -3.20 -6.41
CA SER A 114 -20.11 -1.84 -6.18
C SER A 114 -18.59 -1.75 -6.14
N TYR A 115 -17.94 -2.73 -5.55
CA TYR A 115 -16.47 -2.68 -5.51
C TYR A 115 -15.86 -2.74 -6.91
N SER A 116 -16.47 -3.52 -7.80
CA SER A 116 -16.01 -3.62 -9.20
C SER A 116 -16.22 -2.32 -9.96
N ASN A 117 -17.32 -1.60 -9.68
CA ASN A 117 -17.54 -0.31 -10.34
C ASN A 117 -16.44 0.64 -9.90
N ILE A 118 -16.04 0.56 -8.64
CA ILE A 118 -14.97 1.42 -8.15
C ILE A 118 -13.67 1.01 -8.82
N PHE A 119 -13.35 -0.28 -8.81
CA PHE A 119 -12.12 -0.77 -9.45
C PHE A 119 -12.03 -0.40 -10.93
N MET A 120 -13.09 -0.69 -11.65
CA MET A 120 -13.12 -0.43 -13.07
C MET A 120 -12.97 1.05 -13.41
N THR A 121 -13.35 1.89 -12.49
CA THR A 121 -13.23 3.32 -12.72
C THR A 121 -11.85 3.85 -12.30
N LEU A 122 -11.25 3.27 -11.27
CA LEU A 122 -9.98 3.81 -10.76
C LEU A 122 -8.68 3.04 -10.98
N ALA A 123 -8.75 1.73 -10.87
CA ALA A 123 -7.57 0.89 -10.98
C ALA A 123 -7.24 0.38 -12.38
N SER A 124 -5.99 -0.04 -12.55
CA SER A 124 -5.55 -0.59 -13.83
C SER A 124 -5.95 -2.04 -13.76
N THR A 125 -6.05 -2.73 -14.90
CA THR A 125 -6.45 -4.13 -14.87
C THR A 125 -5.43 -4.96 -14.12
N PRO A 126 -4.13 -4.64 -14.30
CA PRO A 126 -3.11 -5.41 -13.60
C PRO A 126 -3.34 -5.31 -12.09
N GLN A 127 -3.61 -4.09 -11.62
CA GLN A 127 -3.90 -3.87 -10.19
C GLN A 127 -5.12 -4.72 -9.83
N ILE A 128 -6.17 -4.63 -10.64
CA ILE A 128 -7.35 -5.42 -10.34
C ILE A 128 -7.04 -6.90 -10.27
N ASN A 129 -6.37 -7.46 -11.29
CA ASN A 129 -6.03 -8.89 -11.25
C ASN A 129 -5.14 -9.25 -10.08
N GLU A 130 -4.18 -8.40 -9.77
CA GLU A 130 -3.29 -8.68 -8.64
C GLU A 130 -4.08 -8.73 -7.33
N ALA A 131 -5.05 -7.83 -7.18
CA ALA A 131 -5.86 -7.80 -5.96
C ALA A 131 -6.73 -9.08 -5.73
N PHE A 132 -7.41 -9.54 -6.77
CA PHE A 132 -8.22 -10.75 -6.63
C PHE A 132 -7.31 -11.92 -6.40
N ARG A 133 -6.18 -11.95 -7.08
CA ARG A 133 -5.24 -13.05 -6.88
C ARG A 133 -4.75 -12.97 -5.42
N TRP A 134 -4.46 -11.76 -4.96
CA TRP A 134 -4.01 -11.60 -3.58
C TRP A 134 -5.06 -12.18 -2.61
N SER A 135 -6.35 -11.86 -2.82
CA SER A 135 -7.42 -12.37 -1.94
C SER A 135 -7.59 -13.89 -1.93
N GLU A 136 -7.33 -14.54 -3.07
CA GLU A 136 -7.45 -16.00 -3.08
C GLU A 136 -6.33 -16.65 -2.28
N GLU A 137 -5.17 -15.99 -2.21
CA GLU A 137 -4.04 -16.57 -1.49
C GLU A 137 -3.79 -16.09 -0.06
N ASN A 138 -4.45 -15.03 0.37
CA ASN A 138 -4.19 -14.56 1.75
C ASN A 138 -4.81 -15.55 2.72
N GLU A 139 -3.98 -16.18 3.55
CA GLU A 139 -4.44 -17.17 4.53
C GLU A 139 -5.50 -16.71 5.51
N ASN A 140 -5.34 -15.50 6.06
CA ASN A 140 -6.30 -14.99 7.05
C ASN A 140 -7.64 -14.67 6.38
N LEU A 141 -7.61 -14.11 5.18
CA LEU A 141 -8.87 -13.80 4.50
C LEU A 141 -9.62 -15.09 4.16
N GLN A 142 -8.91 -16.11 3.65
CA GLN A 142 -9.56 -17.37 3.30
C GLN A 142 -10.04 -18.09 4.53
N ARG A 143 -9.31 -17.93 5.64
CA ARG A 143 -9.70 -18.58 6.87
C ARG A 143 -10.99 -17.97 7.41
N LYS A 144 -11.11 -16.65 7.40
CA LYS A 144 -12.37 -16.14 7.89
C LYS A 144 -13.47 -16.50 6.89
N ALA A 145 -13.20 -16.47 5.58
CA ALA A 145 -14.28 -16.85 4.67
C ALA A 145 -14.75 -18.28 4.98
N LYS A 146 -13.81 -19.20 5.17
CA LYS A 146 -14.20 -20.60 5.39
C LYS A 146 -14.78 -20.94 6.74
N ILE A 147 -14.40 -20.18 7.77
CA ILE A 147 -14.96 -20.44 9.08
C ILE A 147 -16.44 -20.10 8.98
N ILE A 148 -16.72 -18.95 8.35
CA ILE A 148 -18.10 -18.53 8.25
C ILE A 148 -18.89 -19.54 7.35
N MET A 149 -18.31 -19.93 6.24
CA MET A 149 -18.99 -20.86 5.37
C MET A 149 -19.27 -22.22 5.99
N SER A 150 -18.38 -22.65 6.88
CA SER A 150 -18.56 -23.92 7.56
C SER A 150 -19.85 -23.88 8.34
N TYR A 151 -20.22 -22.72 8.89
CA TYR A 151 -21.46 -22.69 9.63
C TYR A 151 -22.67 -22.60 8.72
N TYR A 152 -22.56 -21.87 7.61
CA TYR A 152 -23.72 -21.77 6.71
C TYR A 152 -24.06 -23.14 6.13
N ASN A 153 -23.06 -23.99 6.03
CA ASN A 153 -23.28 -25.31 5.48
C ASN A 153 -23.62 -26.33 6.54
N GLY A 154 -23.45 -25.94 7.79
CA GLY A 154 -23.73 -26.83 8.90
C GLY A 154 -25.23 -27.04 9.04
N ASP A 155 -25.67 -27.56 10.17
CA ASP A 155 -27.08 -27.83 10.34
C ASP A 155 -27.68 -27.21 11.59
N ASP A 156 -26.99 -26.23 12.16
CA ASP A 156 -27.51 -25.54 13.33
C ASP A 156 -28.01 -24.15 12.91
N PRO A 157 -29.32 -23.92 12.97
CA PRO A 157 -29.94 -22.65 12.60
C PRO A 157 -29.47 -21.42 13.39
N LEU A 158 -29.25 -21.59 14.69
CA LEU A 158 -28.82 -20.49 15.52
C LEU A 158 -27.37 -20.10 15.25
N LYS A 159 -26.51 -21.07 14.96
CA LYS A 159 -25.13 -20.76 14.68
C LYS A 159 -24.98 -20.07 13.33
N LYS A 160 -25.90 -20.33 12.40
CA LYS A 160 -25.83 -19.66 11.11
C LYS A 160 -26.11 -18.18 11.32
N LYS A 161 -26.97 -17.88 12.28
CA LYS A 161 -27.33 -16.51 12.56
C LYS A 161 -26.24 -15.79 13.32
N VAL A 162 -25.56 -16.49 14.24
CA VAL A 162 -24.46 -15.86 14.96
C VAL A 162 -23.34 -15.55 13.96
N ALA A 163 -23.00 -16.52 13.10
CA ALA A 163 -21.94 -16.32 12.09
C ALA A 163 -22.26 -15.18 11.15
N SER A 164 -23.52 -15.13 10.71
CA SER A 164 -23.97 -14.07 9.84
C SER A 164 -23.90 -12.67 10.49
N THR A 165 -24.33 -12.61 11.74
CA THR A 165 -24.31 -11.36 12.45
C THR A 165 -22.87 -10.90 12.72
N LEU A 166 -21.98 -11.86 12.98
CA LEU A 166 -20.60 -11.50 13.20
C LEU A 166 -20.01 -11.05 11.89
N LEU A 167 -20.48 -11.62 10.80
CA LEU A 167 -19.96 -11.21 9.50
C LEU A 167 -20.39 -9.77 9.18
N GLU A 168 -21.68 -9.54 9.35
CA GLU A 168 -22.32 -8.25 9.06
C GLU A 168 -21.86 -7.06 9.92
N SER A 169 -21.68 -7.32 11.21
CA SER A 169 -21.36 -6.28 12.19
C SER A 169 -19.93 -6.26 12.67
N PHE A 170 -19.11 -7.22 12.25
CA PHE A 170 -17.73 -7.18 12.72
C PHE A 170 -16.72 -7.43 11.61
N LEU A 171 -16.87 -8.53 10.90
CA LEU A 171 -15.88 -8.88 9.88
C LEU A 171 -15.67 -7.92 8.73
N PHE A 172 -16.67 -7.14 8.36
CA PHE A 172 -16.47 -6.17 7.28
C PHE A 172 -15.64 -4.96 7.78
N TYR A 173 -15.59 -4.76 9.10
CA TYR A 173 -14.99 -3.51 9.54
C TYR A 173 -13.51 -3.26 9.43
N SER A 174 -12.69 -4.30 9.47
CA SER A 174 -11.28 -4.03 9.28
C SER A 174 -11.13 -3.42 7.86
N GLY A 175 -12.07 -3.75 6.98
CA GLY A 175 -12.04 -3.22 5.62
C GLY A 175 -12.72 -1.86 5.50
N PHE A 176 -13.80 -1.65 6.22
CA PHE A 176 -14.47 -0.35 6.15
C PHE A 176 -13.63 0.78 6.73
N TYR A 177 -12.68 0.46 7.60
CA TYR A 177 -11.86 1.52 8.18
C TYR A 177 -11.18 2.41 7.11
N LEU A 178 -10.59 1.78 6.11
CA LEU A 178 -9.83 2.50 5.11
C LEU A 178 -10.59 3.60 4.39
N PRO A 179 -11.74 3.30 3.75
CA PRO A 179 -12.46 4.39 3.06
C PRO A 179 -12.98 5.47 4.00
N MET A 180 -13.36 5.07 5.21
CA MET A 180 -13.84 6.08 6.14
C MET A 180 -12.71 7.03 6.55
N TYR A 181 -11.54 6.47 6.81
CA TYR A 181 -10.44 7.31 7.20
C TYR A 181 -10.04 8.22 6.01
N LEU A 182 -9.85 7.64 4.82
CA LEU A 182 -9.46 8.45 3.65
C LEU A 182 -10.45 9.56 3.40
N SER A 183 -11.73 9.21 3.57
CA SER A 183 -12.82 10.14 3.43
C SER A 183 -12.62 11.29 4.44
N SER A 184 -12.15 10.97 5.64
CA SER A 184 -11.96 12.03 6.64
C SER A 184 -10.81 12.94 6.24
N ARG A 185 -9.95 12.52 5.29
CA ARG A 185 -8.82 13.32 4.81
C ARG A 185 -9.18 13.90 3.44
N ALA A 186 -10.45 13.93 3.13
CA ALA A 186 -10.90 14.44 1.84
C ALA A 186 -10.34 13.62 0.68
N LYS A 187 -10.16 12.31 0.84
CA LYS A 187 -9.69 11.54 -0.31
C LYS A 187 -10.75 10.47 -0.66
N LEU A 188 -10.88 10.14 -1.96
CA LEU A 188 -11.84 9.14 -2.42
C LEU A 188 -13.21 9.35 -1.85
N THR A 189 -13.64 10.60 -1.74
CA THR A 189 -14.94 10.87 -1.15
C THR A 189 -16.18 10.28 -1.87
N ASN A 190 -16.16 10.10 -3.18
CA ASN A 190 -17.34 9.53 -3.81
C ASN A 190 -17.39 8.03 -3.54
N THR A 191 -16.23 7.43 -3.45
CA THR A 191 -16.16 6.00 -3.16
C THR A 191 -16.74 5.81 -1.76
N ALA A 192 -16.42 6.77 -0.88
CA ALA A 192 -16.88 6.71 0.50
C ALA A 192 -18.40 6.78 0.56
N ASP A 193 -19.05 7.48 -0.38
CA ASP A 193 -20.52 7.53 -0.39
C ASP A 193 -21.06 6.16 -0.69
N ILE A 194 -20.42 5.42 -1.58
CA ILE A 194 -20.86 4.06 -1.83
C ILE A 194 -20.67 3.25 -0.53
N ILE A 195 -19.52 3.41 0.14
CA ILE A 195 -19.29 2.63 1.36
C ILE A 195 -20.34 2.96 2.43
N ARG A 196 -20.68 4.23 2.54
CA ARG A 196 -21.71 4.60 3.50
C ARG A 196 -23.07 3.94 3.17
N LEU A 197 -23.40 3.80 1.88
CA LEU A 197 -24.67 3.15 1.50
C LEU A 197 -24.59 1.65 1.89
N ILE A 198 -23.41 1.09 1.72
CA ILE A 198 -23.24 -0.30 2.10
C ILE A 198 -23.39 -0.48 3.60
N ILE A 199 -22.75 0.40 4.38
CA ILE A 199 -22.83 0.31 5.84
C ILE A 199 -24.26 0.50 6.35
N ARG A 200 -25.00 1.41 5.71
CA ARG A 200 -26.37 1.65 6.07
C ARG A 200 -27.14 0.34 5.92
N ASP A 201 -26.78 -0.47 4.93
CA ASP A 201 -27.45 -1.77 4.77
C ASP A 201 -26.95 -2.80 5.80
N GLU A 202 -25.64 -2.96 5.91
CA GLU A 202 -25.09 -3.94 6.83
C GLU A 202 -25.57 -3.74 8.25
N SER A 203 -25.60 -2.49 8.69
CA SER A 203 -26.08 -2.13 10.03
C SER A 203 -27.44 -2.79 10.29
N VAL A 204 -28.38 -2.61 9.35
CA VAL A 204 -29.73 -3.19 9.47
C VAL A 204 -29.69 -4.72 9.35
N HIS A 205 -28.85 -5.23 8.44
CA HIS A 205 -28.77 -6.70 8.33
C HIS A 205 -28.31 -7.29 9.65
N GLY A 206 -27.27 -6.71 10.25
CA GLY A 206 -26.71 -7.21 11.52
C GLY A 206 -27.71 -7.20 12.66
N TYR A 207 -28.43 -6.08 12.75
CA TYR A 207 -29.44 -5.88 13.75
C TYR A 207 -30.62 -6.86 13.60
N TYR A 208 -31.06 -7.05 12.35
CA TYR A 208 -32.21 -7.91 12.09
C TYR A 208 -31.91 -9.38 12.32
N ILE A 209 -30.78 -9.82 11.79
CA ILE A 209 -30.41 -11.20 11.93
C ILE A 209 -30.12 -11.52 13.41
N GLY A 210 -29.53 -10.55 14.10
CA GLY A 210 -29.22 -10.70 15.52
C GLY A 210 -30.50 -10.79 16.34
N TYR A 211 -31.48 -9.98 15.96
CA TYR A 211 -32.77 -9.98 16.61
C TYR A 211 -33.46 -11.36 16.41
N LYS A 212 -33.39 -11.92 15.21
CA LYS A 212 -33.98 -13.25 14.99
C LYS A 212 -33.20 -14.31 15.76
N TYR A 213 -31.90 -14.11 15.97
CA TYR A 213 -31.12 -15.07 16.74
C TYR A 213 -31.66 -14.99 18.17
N GLN A 214 -31.83 -13.78 18.71
CA GLN A 214 -32.31 -13.68 20.09
C GLN A 214 -33.66 -14.37 20.28
N GLN A 215 -34.56 -14.21 19.32
CA GLN A 215 -35.88 -14.83 19.40
C GLN A 215 -35.82 -16.34 19.48
N GLY A 216 -34.86 -16.94 18.76
CA GLY A 216 -34.77 -18.39 18.75
C GLY A 216 -34.08 -18.91 19.99
N VAL A 217 -33.07 -18.18 20.41
CA VAL A 217 -32.35 -18.63 21.56
C VAL A 217 -33.19 -18.50 22.84
N LYS A 218 -34.08 -17.51 22.89
CA LYS A 218 -34.93 -17.30 24.08
C LYS A 218 -35.88 -18.47 24.30
N LYS A 219 -36.14 -19.23 23.23
CA LYS A 219 -37.03 -20.39 23.29
C LYS A 219 -36.38 -21.60 23.97
N LEU A 220 -35.06 -21.61 24.09
CA LEU A 220 -34.37 -22.74 24.72
C LEU A 220 -34.26 -22.62 26.25
N SER A 221 -33.88 -23.73 26.89
CA SER A 221 -33.74 -23.75 28.36
C SER A 221 -32.59 -22.83 28.77
N GLU A 222 -32.65 -22.28 29.98
CA GLU A 222 -31.62 -21.38 30.43
C GLU A 222 -30.22 -21.95 30.22
N ALA A 223 -30.09 -23.26 30.37
CA ALA A 223 -28.81 -23.90 30.19
C ALA A 223 -28.34 -23.89 28.74
N GLU A 224 -29.23 -24.24 27.82
CA GLU A 224 -28.86 -24.25 26.40
C GLU A 224 -28.50 -22.84 26.00
N GLN A 225 -29.20 -21.86 26.57
CA GLN A 225 -28.91 -20.49 26.25
C GLN A 225 -27.48 -20.13 26.64
N GLU A 226 -26.96 -20.76 27.70
CA GLU A 226 -25.61 -20.50 28.17
C GLU A 226 -24.60 -21.13 27.23
N GLU A 227 -24.95 -22.26 26.65
CA GLU A 227 -24.04 -22.90 25.71
C GLU A 227 -23.94 -22.06 24.43
N TYR A 228 -25.04 -21.48 23.97
CA TYR A 228 -24.99 -20.68 22.76
C TYR A 228 -24.18 -19.39 23.01
N LYS A 229 -24.26 -18.84 24.22
CA LYS A 229 -23.47 -17.63 24.52
C LYS A 229 -22.01 -18.04 24.50
N ALA A 230 -21.70 -19.14 25.15
CA ALA A 230 -20.32 -19.64 25.17
C ALA A 230 -19.82 -19.82 23.76
N TYR A 231 -20.62 -20.50 22.93
CA TYR A 231 -20.24 -20.72 21.55
C TYR A 231 -20.01 -19.36 20.83
N THR A 232 -20.91 -18.39 21.02
CA THR A 232 -20.79 -17.08 20.35
C THR A 232 -19.46 -16.37 20.75
N PHE A 233 -19.17 -16.32 22.05
CA PHE A 233 -17.92 -15.69 22.49
C PHE A 233 -16.68 -16.40 21.98
N ASP A 234 -16.70 -17.75 21.99
CA ASP A 234 -15.54 -18.49 21.48
C ASP A 234 -15.32 -18.19 20.00
N LEU A 235 -16.40 -18.08 19.22
CA LEU A 235 -16.25 -17.77 17.80
C LEU A 235 -15.68 -16.33 17.68
N MET A 236 -16.20 -15.41 18.46
CA MET A 236 -15.71 -14.03 18.41
C MET A 236 -14.21 -14.00 18.71
N TYR A 237 -13.75 -14.75 19.74
CA TYR A 237 -12.31 -14.78 20.06
C TYR A 237 -11.51 -15.26 18.87
N ASP A 238 -11.95 -16.35 18.23
CA ASP A 238 -11.26 -16.88 17.05
C ASP A 238 -11.28 -15.90 15.87
N LEU A 239 -12.42 -15.32 15.61
CA LEU A 239 -12.47 -14.37 14.49
C LEU A 239 -11.62 -13.14 14.79
N TYR A 240 -11.70 -12.64 16.03
CA TYR A 240 -10.94 -11.44 16.36
C TYR A 240 -9.43 -11.70 16.17
N GLU A 241 -8.94 -12.81 16.72
CA GLU A 241 -7.52 -13.13 16.58
C GLU A 241 -7.12 -13.24 15.12
N ASN A 242 -7.98 -13.89 14.33
CA ASN A 242 -7.70 -13.98 12.91
C ASN A 242 -7.70 -12.61 12.25
N GLU A 243 -8.66 -11.75 12.66
CA GLU A 243 -8.78 -10.43 12.06
C GLU A 243 -7.59 -9.50 12.32
N ILE A 244 -6.99 -9.63 13.48
CA ILE A 244 -5.81 -8.84 13.82
C ILE A 244 -4.69 -9.16 12.83
N GLU A 245 -4.51 -10.45 12.51
CA GLU A 245 -3.44 -10.84 11.57
C GLU A 245 -3.75 -10.30 10.19
N TYR A 246 -5.00 -10.41 9.77
CA TYR A 246 -5.41 -9.88 8.47
C TYR A 246 -5.13 -8.35 8.48
N THR A 247 -5.52 -7.72 9.58
CA THR A 247 -5.33 -6.27 9.71
C THR A 247 -3.84 -5.91 9.55
N GLU A 248 -2.99 -6.66 10.23
CA GLU A 248 -1.54 -6.42 10.12
C GLU A 248 -1.09 -6.55 8.67
N ASP A 249 -1.52 -7.62 8.00
CA ASP A 249 -1.14 -7.80 6.60
C ASP A 249 -1.54 -6.58 5.78
N ILE A 250 -2.71 -6.02 6.06
CA ILE A 250 -3.14 -4.90 5.26
C ILE A 250 -2.60 -3.56 5.61
N TYR A 251 -2.58 -3.27 6.91
CA TYR A 251 -2.24 -1.95 7.36
C TYR A 251 -0.85 -1.64 7.91
N ASP A 252 -0.01 -2.65 8.11
CA ASP A 252 1.32 -2.41 8.69
C ASP A 252 2.19 -1.46 7.91
N ASP A 253 2.20 -1.60 6.59
CA ASP A 253 3.00 -0.73 5.74
C ASP A 253 2.63 0.72 5.98
N LEU A 254 1.33 1.01 5.96
CA LEU A 254 0.80 2.35 6.20
C LEU A 254 0.97 2.76 7.66
N GLY A 255 1.10 1.76 8.52
CA GLY A 255 1.22 2.03 9.94
C GLY A 255 -0.10 2.47 10.60
N TRP A 256 -1.24 1.96 10.16
CA TRP A 256 -2.52 2.38 10.78
C TRP A 256 -3.06 1.25 11.67
N THR A 257 -2.29 0.18 11.77
CA THR A 257 -2.74 -1.00 12.51
C THR A 257 -3.35 -0.80 13.89
N GLU A 258 -2.65 -0.10 14.76
CA GLU A 258 -3.21 0.08 16.10
C GLU A 258 -4.56 0.76 16.10
N ASP A 259 -4.76 1.73 15.21
CA ASP A 259 -6.06 2.39 15.16
C ASP A 259 -7.13 1.49 14.55
N VAL A 260 -6.75 0.67 13.58
CA VAL A 260 -7.74 -0.22 12.99
C VAL A 260 -8.14 -1.25 14.05
N LYS A 261 -7.20 -1.75 14.86
CA LYS A 261 -7.56 -2.73 15.92
C LYS A 261 -8.57 -2.16 16.94
N ARG A 262 -8.46 -0.87 17.28
CA ARG A 262 -9.44 -0.24 18.18
C ARG A 262 -10.81 -0.24 17.53
N PHE A 263 -10.82 0.04 16.24
CA PHE A 263 -12.04 0.04 15.43
C PHE A 263 -12.62 -1.40 15.37
N LEU A 264 -11.77 -2.42 15.27
CA LEU A 264 -12.26 -3.80 15.30
C LEU A 264 -12.94 -4.07 16.68
N ARG A 265 -12.29 -3.63 17.75
CA ARG A 265 -12.88 -3.82 19.08
C ARG A 265 -14.22 -3.09 19.25
N TYR A 266 -14.30 -1.89 18.72
CA TYR A 266 -15.51 -1.07 18.81
C TYR A 266 -16.63 -1.86 18.09
N ASN A 267 -16.31 -2.41 16.91
CA ASN A 267 -17.38 -3.11 16.19
C ASN A 267 -17.67 -4.49 16.71
N ALA A 268 -16.68 -5.13 17.30
CA ALA A 268 -16.93 -6.44 17.90
C ALA A 268 -17.98 -6.24 19.00
N ASN A 269 -17.93 -5.15 19.78
CA ASN A 269 -18.93 -4.95 20.85
C ASN A 269 -20.33 -4.80 20.26
N LYS A 270 -20.45 -4.03 19.18
CA LYS A 270 -21.75 -3.81 18.50
C LYS A 270 -22.29 -5.16 18.00
N ALA A 271 -21.43 -5.98 17.41
CA ALA A 271 -21.88 -7.26 16.89
C ALA A 271 -22.44 -8.11 18.05
N LEU A 272 -21.76 -8.14 19.19
CA LEU A 272 -22.22 -8.90 20.34
C LEU A 272 -23.52 -8.32 20.84
N ASN A 273 -23.61 -6.98 20.87
CA ASN A 273 -24.85 -6.35 21.31
C ASN A 273 -26.02 -6.73 20.38
N ASN A 274 -25.75 -6.84 19.08
CA ASN A 274 -26.81 -7.24 18.14
C ASN A 274 -27.36 -8.63 18.46
N LEU A 275 -26.48 -9.49 18.98
CA LEU A 275 -26.87 -10.86 19.37
C LEU A 275 -27.48 -10.93 20.76
N GLY A 276 -27.60 -9.77 21.40
CA GLY A 276 -28.19 -9.72 22.73
C GLY A 276 -27.23 -9.85 23.88
N TYR A 277 -25.93 -9.76 23.62
CA TYR A 277 -24.95 -9.86 24.67
C TYR A 277 -24.16 -8.60 24.95
N GLU A 278 -23.54 -8.60 26.12
CA GLU A 278 -22.71 -7.52 26.58
C GLU A 278 -21.50 -7.49 25.66
N GLY A 279 -20.85 -6.33 25.58
CA GLY A 279 -19.69 -6.18 24.72
C GLY A 279 -18.54 -6.89 25.39
N LEU A 280 -17.50 -7.14 24.63
CA LEU A 280 -16.32 -7.85 25.11
C LEU A 280 -15.19 -6.93 25.58
N PHE A 281 -15.04 -5.80 24.89
CA PHE A 281 -13.93 -4.90 25.16
C PHE A 281 -14.37 -3.65 25.91
N PRO A 282 -13.61 -3.25 26.95
CA PRO A 282 -14.03 -2.04 27.67
C PRO A 282 -13.90 -0.82 26.72
N THR A 283 -14.71 0.20 26.99
CA THR A 283 -14.72 1.44 26.24
C THR A 283 -13.37 2.08 25.96
N ASP A 284 -12.52 2.14 26.97
CA ASP A 284 -11.22 2.73 26.77
C ASP A 284 -10.31 2.00 25.79
N GLU A 285 -10.73 0.82 25.29
CA GLU A 285 -9.90 0.10 24.32
C GLU A 285 -10.56 0.23 22.91
N THR A 286 -11.66 0.96 22.83
CA THR A 286 -12.39 1.04 21.56
C THR A 286 -12.46 2.50 21.05
N LYS A 287 -11.41 3.29 21.30
CA LYS A 287 -11.42 4.70 20.87
C LYS A 287 -11.33 4.78 19.36
N VAL A 288 -12.25 5.52 18.77
CA VAL A 288 -12.24 5.70 17.34
C VAL A 288 -12.37 7.20 17.13
N SER A 289 -11.57 7.72 16.21
CA SER A 289 -11.63 9.12 15.89
C SER A 289 -13.08 9.55 15.53
N PRO A 290 -13.55 10.65 16.11
CA PRO A 290 -14.90 11.12 15.80
C PRO A 290 -15.00 11.50 14.30
N ALA A 291 -13.87 11.74 13.63
CA ALA A 291 -13.96 12.07 12.18
C ALA A 291 -14.30 10.79 11.36
N ILE A 292 -13.92 9.63 11.88
CA ILE A 292 -14.28 8.35 11.22
C ILE A 292 -15.71 7.97 11.57
N LEU A 293 -16.08 8.14 12.85
CA LEU A 293 -17.43 7.84 13.33
C LEU A 293 -18.50 8.64 12.60
N SER A 294 -18.21 9.92 12.42
CA SER A 294 -19.18 10.77 11.75
C SER A 294 -19.22 10.36 10.30
N SER A 295 -18.03 10.17 9.73
CA SER A 295 -17.89 9.80 8.33
C SER A 295 -18.68 8.53 8.05
N LEU A 296 -19.13 7.92 9.14
CA LEU A 296 -19.89 6.67 9.15
C LEU A 296 -21.38 6.96 9.26
N SER A 297 -21.75 7.30 10.51
CA SER A 297 -23.11 7.61 10.97
C SER A 297 -23.68 6.36 11.64
N SER B 2 -9.67 -29.47 18.46
CA SER B 2 -10.32 -29.63 17.13
C SER B 2 -11.46 -28.61 16.96
N ASN B 3 -11.21 -27.57 16.17
CA ASN B 3 -12.21 -26.51 15.91
C ASN B 3 -13.46 -27.05 15.22
N GLU B 4 -14.61 -26.59 15.67
CA GLU B 4 -15.89 -27.02 15.11
C GLU B 4 -15.98 -26.80 13.60
N TYR B 5 -14.92 -26.28 12.99
CA TYR B 5 -14.93 -26.02 11.56
C TYR B 5 -13.80 -26.63 10.74
N ASP B 6 -12.81 -27.21 11.41
CA ASP B 6 -11.66 -27.79 10.73
C ASP B 6 -11.98 -28.81 9.64
N GLU B 7 -12.95 -29.68 9.92
CA GLU B 7 -13.36 -30.71 8.97
C GLU B 7 -13.79 -30.04 7.65
N TYR B 8 -14.48 -28.91 7.76
CA TYR B 8 -14.96 -28.17 6.58
C TYR B 8 -13.82 -27.58 5.76
N ILE B 9 -12.93 -26.85 6.42
CA ILE B 9 -11.82 -26.21 5.74
C ILE B 9 -10.96 -27.21 4.96
N ALA B 10 -11.17 -28.48 5.27
CA ALA B 10 -10.46 -29.58 4.62
C ALA B 10 -11.19 -30.00 3.35
N ASN B 11 -12.48 -30.28 3.46
CA ASN B 11 -13.27 -30.70 2.30
C ASN B 11 -13.34 -29.64 1.20
N HIS B 12 -12.84 -28.44 1.50
CA HIS B 12 -12.87 -27.34 0.53
C HIS B 12 -11.53 -26.61 0.54
N THR B 13 -10.60 -27.08 -0.31
CA THR B 13 -9.27 -26.51 -0.38
C THR B 13 -9.07 -25.39 -1.40
N ASP B 14 -9.91 -25.30 -2.41
CA ASP B 14 -9.68 -24.19 -3.34
C ASP B 14 -9.98 -22.87 -2.63
N PRO B 15 -9.38 -21.78 -3.10
CA PRO B 15 -9.72 -20.53 -2.43
C PRO B 15 -11.17 -20.12 -2.73
N VAL B 16 -11.80 -19.48 -1.77
CA VAL B 16 -13.14 -18.97 -1.97
C VAL B 16 -12.93 -17.77 -2.90
N LYS B 17 -13.67 -17.69 -4.00
CA LYS B 17 -13.49 -16.60 -4.95
C LYS B 17 -14.46 -15.46 -4.75
N ALA B 18 -13.99 -14.24 -5.02
CA ALA B 18 -14.80 -13.05 -4.89
C ALA B 18 -15.31 -12.76 -6.30
N ILE B 19 -16.53 -12.30 -6.45
CA ILE B 19 -17.01 -12.07 -7.81
C ILE B 19 -16.26 -10.92 -8.45
N ASN B 20 -15.88 -11.08 -9.71
CA ASN B 20 -15.15 -10.04 -10.42
C ASN B 20 -15.95 -9.63 -11.64
N TRP B 21 -16.57 -8.47 -11.58
CA TRP B 21 -17.38 -8.04 -12.70
C TRP B 21 -16.54 -7.41 -13.82
N ASN B 22 -15.23 -7.46 -13.69
CA ASN B 22 -14.38 -6.92 -14.74
C ASN B 22 -14.08 -8.01 -15.75
N VAL B 23 -14.26 -9.25 -15.34
CA VAL B 23 -14.05 -10.35 -16.24
C VAL B 23 -15.35 -11.11 -16.33
N ILE B 24 -16.05 -10.97 -17.46
CA ILE B 24 -17.32 -11.67 -17.59
C ILE B 24 -17.28 -12.67 -18.73
N PRO B 25 -17.41 -13.98 -18.41
CA PRO B 25 -17.38 -15.02 -19.45
C PRO B 25 -18.66 -14.87 -20.31
N ASP B 26 -19.81 -14.75 -19.65
CA ASP B 26 -21.08 -14.63 -20.37
C ASP B 26 -21.70 -13.24 -20.29
N GLU B 27 -21.53 -12.45 -21.35
CA GLU B 27 -22.06 -11.09 -21.41
C GLU B 27 -23.55 -11.05 -21.15
N LYS B 28 -24.19 -12.20 -21.35
CA LYS B 28 -25.62 -12.32 -21.13
C LYS B 28 -25.97 -12.01 -19.67
N ASP B 29 -25.12 -12.44 -18.73
CA ASP B 29 -25.37 -12.20 -17.30
C ASP B 29 -25.40 -10.73 -17.00
N LEU B 30 -24.47 -9.99 -17.60
CA LEU B 30 -24.41 -8.56 -17.38
C LEU B 30 -25.60 -7.86 -18.05
N GLU B 31 -25.93 -8.25 -19.28
CA GLU B 31 -27.09 -7.62 -19.97
C GLU B 31 -28.35 -7.83 -19.11
N VAL B 32 -28.53 -9.05 -18.63
CA VAL B 32 -29.68 -9.33 -17.81
C VAL B 32 -29.61 -8.65 -16.44
N TRP B 33 -28.43 -8.62 -15.82
CA TRP B 33 -28.30 -7.95 -14.50
C TRP B 33 -28.69 -6.50 -14.69
N ASP B 34 -28.17 -5.93 -15.76
CA ASP B 34 -28.48 -4.55 -16.07
C ASP B 34 -29.96 -4.32 -16.36
N ARG B 35 -30.60 -5.24 -17.06
CA ARG B 35 -32.01 -5.01 -17.36
C ARG B 35 -32.86 -5.16 -16.10
N LEU B 36 -32.65 -6.25 -15.35
CA LEU B 36 -33.44 -6.44 -14.13
C LEU B 36 -33.25 -5.34 -13.06
N THR B 37 -32.01 -4.95 -12.74
CA THR B 37 -31.83 -3.91 -11.73
C THR B 37 -32.33 -2.57 -12.18
N GLY B 38 -32.16 -2.29 -13.47
CA GLY B 38 -32.66 -1.04 -14.01
C GLY B 38 -34.19 -0.99 -13.95
N ASN B 39 -34.85 -2.15 -14.01
CA ASN B 39 -36.31 -2.23 -13.96
C ASN B 39 -36.87 -2.33 -12.54
N PHE B 40 -36.06 -2.01 -11.53
CA PHE B 40 -36.48 -2.04 -10.14
C PHE B 40 -37.70 -1.18 -9.91
N TRP B 41 -38.63 -1.68 -9.11
CA TRP B 41 -39.84 -0.91 -8.81
C TRP B 41 -40.39 -1.47 -7.55
N LEU B 42 -41.29 -0.72 -6.91
CA LEU B 42 -41.98 -1.19 -5.69
C LEU B 42 -43.44 -0.82 -5.92
N PRO B 43 -44.36 -1.69 -5.49
CA PRO B 43 -45.80 -1.44 -5.69
C PRO B 43 -46.31 -0.14 -5.13
N GLU B 44 -45.64 0.35 -4.09
CA GLU B 44 -46.06 1.60 -3.48
C GLU B 44 -46.04 2.77 -4.47
N LYS B 45 -45.18 2.69 -5.48
CA LYS B 45 -45.07 3.76 -6.47
C LYS B 45 -46.27 3.91 -7.41
N ILE B 46 -47.16 2.92 -7.43
CA ILE B 46 -48.36 2.93 -8.26
C ILE B 46 -49.59 3.27 -7.39
N PRO B 47 -50.39 4.27 -7.80
CA PRO B 47 -51.59 4.67 -7.03
C PRO B 47 -52.81 3.76 -7.20
N VAL B 48 -52.73 2.58 -6.59
CA VAL B 48 -53.79 1.60 -6.67
C VAL B 48 -55.09 2.10 -6.04
N SER B 49 -55.01 3.10 -5.19
CA SER B 49 -56.20 3.62 -4.54
C SER B 49 -57.18 4.22 -5.54
N ASN B 50 -56.67 4.55 -6.72
CA ASN B 50 -57.50 5.12 -7.76
C ASN B 50 -58.34 4.10 -8.51
N ASP B 51 -58.22 2.83 -8.15
CA ASP B 51 -59.02 1.81 -8.81
C ASP B 51 -60.18 1.46 -7.93
N ILE B 52 -60.31 2.16 -6.80
CA ILE B 52 -61.39 1.85 -5.87
C ILE B 52 -62.77 2.01 -6.50
N GLN B 53 -62.96 3.05 -7.29
CA GLN B 53 -64.26 3.23 -7.93
C GLN B 53 -64.60 2.10 -8.89
N SER B 54 -63.68 1.80 -9.81
CA SER B 54 -63.95 0.74 -10.78
C SER B 54 -64.05 -0.60 -10.11
N TRP B 55 -63.34 -0.79 -8.99
CA TRP B 55 -63.42 -2.07 -8.30
C TRP B 55 -64.82 -2.28 -7.80
N ASN B 56 -65.49 -1.18 -7.46
CA ASN B 56 -66.85 -1.30 -6.99
C ASN B 56 -67.78 -1.61 -8.17
N LYS B 57 -67.54 -0.98 -9.32
CA LYS B 57 -68.36 -1.22 -10.52
C LYS B 57 -68.31 -2.65 -11.03
N MET B 58 -67.31 -3.42 -10.59
CA MET B 58 -67.16 -4.81 -11.03
C MET B 58 -68.15 -5.73 -10.39
N THR B 59 -68.68 -6.67 -11.17
CA THR B 59 -69.67 -7.62 -10.67
C THR B 59 -69.10 -8.49 -9.58
N PRO B 60 -69.98 -9.12 -8.78
CA PRO B 60 -69.46 -9.98 -7.72
C PRO B 60 -68.57 -11.07 -8.29
N GLN B 61 -69.00 -11.71 -9.37
CA GLN B 61 -68.21 -12.79 -9.95
C GLN B 61 -66.82 -12.33 -10.36
N GLU B 62 -66.71 -11.08 -10.79
CA GLU B 62 -65.44 -10.50 -11.23
C GLU B 62 -64.52 -10.32 -10.03
N GLN B 63 -65.02 -9.63 -9.00
CA GLN B 63 -64.22 -9.41 -7.80
C GLN B 63 -63.72 -10.74 -7.28
N LEU B 64 -64.62 -11.72 -7.23
CA LEU B 64 -64.26 -13.04 -6.76
C LEU B 64 -63.16 -13.71 -7.59
N ALA B 65 -63.27 -13.62 -8.92
CA ALA B 65 -62.28 -14.24 -9.78
C ALA B 65 -60.92 -13.58 -9.59
N THR B 66 -60.93 -12.27 -9.41
CA THR B 66 -59.71 -11.50 -9.20
C THR B 66 -59.02 -11.91 -7.91
N MET B 67 -59.78 -12.00 -6.81
CA MET B 67 -59.22 -12.38 -5.51
C MET B 67 -58.48 -13.68 -5.68
N ARG B 68 -59.16 -14.68 -6.24
CA ARG B 68 -58.56 -15.98 -6.44
C ARG B 68 -57.39 -16.06 -7.41
N VAL B 69 -57.49 -15.36 -8.54
CA VAL B 69 -56.41 -15.40 -9.50
C VAL B 69 -55.16 -14.81 -8.86
N PHE B 70 -55.32 -13.63 -8.28
CA PHE B 70 -54.24 -12.91 -7.61
C PHE B 70 -53.60 -13.72 -6.47
N THR B 71 -54.41 -14.51 -5.77
CA THR B 71 -53.90 -15.34 -4.69
C THR B 71 -53.11 -16.48 -5.27
N GLY B 72 -53.57 -17.00 -6.41
CA GLY B 72 -52.81 -18.07 -7.06
C GLY B 72 -51.44 -17.55 -7.54
N LEU B 73 -51.41 -16.31 -8.03
CA LEU B 73 -50.19 -15.66 -8.53
C LEU B 73 -49.25 -15.40 -7.36
N THR B 74 -49.82 -14.83 -6.30
CA THR B 74 -49.07 -14.56 -5.06
C THR B 74 -48.38 -15.85 -4.61
N LEU B 75 -49.11 -16.95 -4.64
CA LEU B 75 -48.55 -18.23 -4.23
C LEU B 75 -47.38 -18.68 -5.12
N LEU B 76 -47.51 -18.48 -6.43
CA LEU B 76 -46.42 -18.90 -7.32
C LEU B 76 -45.15 -18.08 -7.08
N ASP B 77 -45.33 -16.77 -6.89
CA ASP B 77 -44.17 -15.91 -6.63
C ASP B 77 -43.58 -16.20 -5.25
N THR B 78 -44.37 -16.70 -4.30
CA THR B 78 -43.84 -17.01 -2.96
C THR B 78 -42.83 -18.18 -3.10
N ILE B 79 -43.22 -19.18 -3.89
CA ILE B 79 -42.40 -20.37 -4.16
C ILE B 79 -41.14 -20.03 -4.96
N GLN B 80 -41.34 -19.23 -6.00
CA GLN B 80 -40.27 -18.84 -6.89
C GLN B 80 -39.22 -17.97 -6.15
N GLY B 81 -39.71 -17.05 -5.33
CA GLY B 81 -38.80 -16.17 -4.61
C GLY B 81 -38.10 -16.83 -3.45
N THR B 82 -38.79 -17.72 -2.73
CA THR B 82 -38.18 -18.33 -1.56
C THR B 82 -37.62 -19.70 -1.76
N VAL B 83 -37.94 -20.32 -2.89
CA VAL B 83 -37.43 -21.67 -3.15
C VAL B 83 -36.87 -21.89 -4.55
N GLY B 84 -37.56 -21.34 -5.53
CA GLY B 84 -37.14 -21.52 -6.91
C GLY B 84 -35.82 -20.88 -7.32
N ALA B 85 -35.82 -19.55 -7.47
CA ALA B 85 -34.64 -18.81 -7.90
C ALA B 85 -33.47 -19.29 -7.05
N ILE B 86 -33.72 -19.45 -5.75
CA ILE B 86 -32.70 -19.93 -4.84
C ILE B 86 -32.11 -21.28 -5.17
N SER B 87 -32.94 -22.22 -5.64
CA SER B 87 -32.47 -23.56 -5.95
C SER B 87 -31.54 -23.60 -7.16
N LEU B 88 -31.58 -22.55 -7.97
CA LEU B 88 -30.73 -22.48 -9.15
C LEU B 88 -29.30 -22.00 -8.83
N LEU B 89 -29.10 -21.40 -7.67
CA LEU B 89 -27.79 -20.86 -7.30
C LEU B 89 -26.62 -21.83 -7.47
N PRO B 90 -26.67 -22.98 -6.80
CA PRO B 90 -25.61 -24.00 -6.87
C PRO B 90 -25.16 -24.44 -8.27
N ASP B 91 -26.08 -24.50 -9.22
CA ASP B 91 -25.74 -24.96 -10.58
C ASP B 91 -25.37 -23.88 -11.57
N ALA B 92 -25.17 -22.67 -11.08
CA ALA B 92 -24.85 -21.55 -11.95
C ALA B 92 -23.58 -21.82 -12.72
N GLU B 93 -23.55 -21.36 -13.95
CA GLU B 93 -22.35 -21.53 -14.77
C GLU B 93 -21.32 -20.45 -14.41
N THR B 94 -21.78 -19.28 -13.99
CA THR B 94 -20.88 -18.19 -13.64
C THR B 94 -21.32 -17.57 -12.32
N MET B 95 -20.41 -16.84 -11.67
CA MET B 95 -20.77 -16.18 -10.43
C MET B 95 -21.73 -15.05 -10.73
N HIS B 96 -21.63 -14.46 -11.92
CA HIS B 96 -22.51 -13.35 -12.30
C HIS B 96 -23.97 -13.83 -12.41
N GLU B 97 -24.12 -15.06 -12.82
CA GLU B 97 -25.41 -15.71 -12.92
C GLU B 97 -25.96 -15.87 -11.49
N GLU B 98 -25.13 -16.28 -10.54
CA GLU B 98 -25.61 -16.41 -9.15
C GLU B 98 -26.14 -15.06 -8.66
N ALA B 99 -25.49 -13.98 -9.08
CA ALA B 99 -25.92 -12.65 -8.65
C ALA B 99 -27.29 -12.32 -9.22
N VAL B 100 -27.49 -12.65 -10.50
CA VAL B 100 -28.77 -12.43 -11.17
C VAL B 100 -29.88 -13.17 -10.44
N TYR B 101 -29.65 -14.43 -10.10
CA TYR B 101 -30.67 -15.17 -9.37
C TYR B 101 -31.03 -14.51 -8.01
N THR B 102 -30.09 -13.84 -7.33
CA THR B 102 -30.47 -13.19 -6.07
C THR B 102 -31.38 -12.02 -6.41
N ASN B 103 -31.19 -11.36 -7.55
CA ASN B 103 -32.11 -10.26 -7.90
C ASN B 103 -33.49 -10.84 -8.19
N ILE B 104 -33.50 -11.95 -8.91
CA ILE B 104 -34.76 -12.60 -9.25
C ILE B 104 -35.49 -13.01 -7.98
N ALA B 105 -34.78 -13.64 -7.03
CA ALA B 105 -35.43 -14.03 -5.77
C ALA B 105 -36.09 -12.85 -5.06
N PHE B 106 -35.38 -11.71 -4.99
CA PHE B 106 -35.89 -10.52 -4.33
C PHE B 106 -37.08 -9.95 -5.11
N MET B 107 -36.96 -9.83 -6.42
CA MET B 107 -38.05 -9.29 -7.19
C MET B 107 -39.32 -10.15 -7.10
N GLU B 108 -39.15 -11.44 -6.86
CA GLU B 108 -40.30 -12.32 -6.69
C GLU B 108 -41.03 -11.95 -5.35
N SER B 109 -40.26 -11.61 -4.30
CA SER B 109 -40.89 -11.21 -3.02
C SER B 109 -41.61 -9.90 -3.24
N VAL B 110 -41.04 -9.04 -4.08
CA VAL B 110 -41.68 -7.77 -4.39
C VAL B 110 -43.00 -8.06 -5.17
N HIS B 111 -42.97 -9.02 -6.08
CA HIS B 111 -44.19 -9.37 -6.84
C HIS B 111 -45.28 -9.87 -5.88
N ALA B 112 -44.93 -10.81 -5.04
CA ALA B 112 -45.88 -11.37 -4.06
C ALA B 112 -46.48 -10.25 -3.19
N LYS B 113 -45.64 -9.31 -2.77
CA LYS B 113 -46.12 -8.22 -1.95
C LYS B 113 -47.06 -7.25 -2.67
N SER B 114 -46.84 -7.05 -3.96
CA SER B 114 -47.68 -6.14 -4.74
C SER B 114 -49.12 -6.54 -4.68
N TYR B 115 -49.37 -7.83 -4.78
CA TYR B 115 -50.74 -8.31 -4.73
C TYR B 115 -51.34 -7.88 -3.39
N SER B 116 -50.62 -8.09 -2.29
CA SER B 116 -51.13 -7.64 -0.99
C SER B 116 -51.40 -6.14 -0.96
N ASN B 117 -50.60 -5.34 -1.66
CA ASN B 117 -50.86 -3.91 -1.71
C ASN B 117 -52.19 -3.65 -2.44
N ILE B 118 -52.44 -4.41 -3.49
CA ILE B 118 -53.69 -4.24 -4.26
C ILE B 118 -54.85 -4.62 -3.34
N PHE B 119 -54.80 -5.84 -2.82
CA PHE B 119 -55.85 -6.35 -1.95
C PHE B 119 -56.22 -5.41 -0.82
N MET B 120 -55.20 -4.98 -0.09
CA MET B 120 -55.38 -4.10 1.04
C MET B 120 -55.96 -2.75 0.66
N THR B 121 -55.77 -2.32 -0.58
CA THR B 121 -56.32 -1.03 -1.01
C THR B 121 -57.78 -1.14 -1.49
N LEU B 122 -58.10 -2.24 -2.15
CA LEU B 122 -59.44 -2.42 -2.71
C LEU B 122 -60.38 -3.34 -1.97
N ALA B 123 -59.87 -4.44 -1.47
CA ALA B 123 -60.68 -5.45 -0.82
C ALA B 123 -61.00 -5.33 0.67
N SER B 124 -61.71 -6.32 1.18
CA SER B 124 -62.10 -6.37 2.59
C SER B 124 -61.39 -7.56 3.19
N THR B 125 -61.22 -7.55 4.49
CA THR B 125 -60.55 -8.65 5.15
C THR B 125 -61.22 -10.01 4.93
N PRO B 126 -62.56 -10.05 4.97
CA PRO B 126 -63.24 -11.33 4.76
C PRO B 126 -62.89 -11.78 3.35
N GLN B 127 -62.93 -10.85 2.41
CA GLN B 127 -62.56 -11.18 1.03
C GLN B 127 -61.11 -11.72 1.04
N ILE B 128 -60.16 -10.91 1.52
CA ILE B 128 -58.76 -11.37 1.56
C ILE B 128 -58.67 -12.73 2.20
N ASN B 129 -59.24 -12.86 3.40
CA ASN B 129 -59.22 -14.13 4.13
C ASN B 129 -59.85 -15.27 3.36
N GLU B 130 -60.95 -14.99 2.67
CA GLU B 130 -61.60 -16.04 1.90
C GLU B 130 -60.63 -16.46 0.78
N ALA B 131 -60.14 -15.47 0.03
CA ALA B 131 -59.20 -15.74 -1.07
C ALA B 131 -58.08 -16.66 -0.63
N PHE B 132 -57.37 -16.27 0.43
CA PHE B 132 -56.25 -17.07 0.91
C PHE B 132 -56.59 -18.49 1.33
N ARG B 133 -57.76 -18.68 1.94
CA ARG B 133 -58.21 -20.01 2.37
C ARG B 133 -58.51 -20.84 1.11
N TRP B 134 -59.16 -20.18 0.15
CA TRP B 134 -59.48 -20.83 -1.12
C TRP B 134 -58.20 -21.40 -1.75
N SER B 135 -57.11 -20.62 -1.73
CA SER B 135 -55.84 -21.04 -2.33
C SER B 135 -55.17 -22.25 -1.71
N GLU B 136 -55.47 -22.52 -0.45
CA GLU B 136 -54.87 -23.66 0.25
C GLU B 136 -55.67 -24.94 0.02
N GLU B 137 -56.96 -24.75 -0.20
CA GLU B 137 -57.89 -25.85 -0.43
C GLU B 137 -57.94 -26.32 -1.87
N ASN B 138 -57.75 -25.41 -2.82
CA ASN B 138 -57.82 -25.75 -4.23
C ASN B 138 -56.79 -26.78 -4.70
N GLU B 139 -57.31 -27.95 -5.08
CA GLU B 139 -56.51 -29.07 -5.58
C GLU B 139 -55.62 -28.81 -6.79
N ASN B 140 -56.09 -28.07 -7.79
CA ASN B 140 -55.23 -27.81 -8.94
C ASN B 140 -54.11 -26.85 -8.61
N LEU B 141 -54.39 -25.80 -7.83
CA LEU B 141 -53.35 -24.85 -7.46
C LEU B 141 -52.29 -25.52 -6.59
N GLN B 142 -52.72 -26.34 -5.63
CA GLN B 142 -51.77 -26.99 -4.77
C GLN B 142 -50.98 -28.01 -5.57
N ARG B 143 -51.63 -28.62 -6.55
CA ARG B 143 -50.97 -29.62 -7.38
C ARG B 143 -49.85 -28.99 -8.21
N LYS B 144 -50.13 -27.89 -8.90
CA LYS B 144 -49.08 -27.26 -9.69
C LYS B 144 -47.96 -26.71 -8.77
N ALA B 145 -48.33 -26.23 -7.58
CA ALA B 145 -47.33 -25.72 -6.65
C ALA B 145 -46.45 -26.86 -6.16
N LYS B 146 -47.01 -28.06 -6.00
CA LYS B 146 -46.18 -29.16 -5.50
C LYS B 146 -45.36 -29.88 -6.53
N ILE B 147 -45.79 -29.84 -7.77
CA ILE B 147 -45.03 -30.45 -8.86
C ILE B 147 -43.76 -29.61 -9.05
N ILE B 148 -43.92 -28.30 -9.18
CA ILE B 148 -42.77 -27.42 -9.35
C ILE B 148 -41.79 -27.56 -8.17
N MET B 149 -42.33 -27.62 -6.96
CA MET B 149 -41.49 -27.75 -5.78
C MET B 149 -40.73 -29.07 -5.73
N SER B 150 -41.33 -30.16 -6.22
CA SER B 150 -40.65 -31.44 -6.19
C SER B 150 -39.34 -31.31 -6.98
N TYR B 151 -39.33 -30.54 -8.08
CA TYR B 151 -38.10 -30.37 -8.84
C TYR B 151 -37.07 -29.49 -8.14
N TYR B 152 -37.54 -28.36 -7.59
CA TYR B 152 -36.61 -27.45 -6.91
C TYR B 152 -35.96 -28.18 -5.75
N ASN B 153 -36.69 -29.11 -5.14
CA ASN B 153 -36.12 -29.84 -4.03
C ASN B 153 -35.36 -31.08 -4.46
N GLY B 154 -35.40 -31.40 -5.76
CA GLY B 154 -34.70 -32.57 -6.26
C GLY B 154 -33.21 -32.36 -6.41
N ASP B 155 -32.54 -33.24 -7.14
CA ASP B 155 -31.10 -33.10 -7.33
C ASP B 155 -30.70 -32.85 -8.78
N ASP B 156 -31.67 -32.56 -9.65
CA ASP B 156 -31.36 -32.35 -11.07
C ASP B 156 -31.34 -30.90 -11.53
N PRO B 157 -30.15 -30.33 -11.67
CA PRO B 157 -29.98 -28.94 -12.10
C PRO B 157 -30.79 -28.54 -13.35
N LEU B 158 -30.73 -29.35 -14.41
CA LEU B 158 -31.47 -29.02 -15.63
C LEU B 158 -32.97 -29.06 -15.43
N LYS B 159 -33.43 -30.02 -14.65
CA LYS B 159 -34.85 -30.09 -14.40
C LYS B 159 -35.32 -28.87 -13.66
N LYS B 160 -34.52 -28.37 -12.73
CA LYS B 160 -34.94 -27.20 -11.97
C LYS B 160 -35.15 -26.01 -12.87
N LYS B 161 -34.30 -25.88 -13.87
CA LYS B 161 -34.40 -24.77 -14.80
C LYS B 161 -35.62 -24.92 -15.70
N VAL B 162 -35.96 -26.17 -16.05
CA VAL B 162 -37.14 -26.42 -16.88
C VAL B 162 -38.37 -26.01 -16.05
N ALA B 163 -38.49 -26.55 -14.85
CA ALA B 163 -39.63 -26.20 -13.99
C ALA B 163 -39.75 -24.68 -13.81
N SER B 164 -38.62 -24.02 -13.58
CA SER B 164 -38.64 -22.58 -13.37
C SER B 164 -39.10 -21.80 -14.63
N THR B 165 -38.63 -22.21 -15.79
CA THR B 165 -38.98 -21.52 -17.02
C THR B 165 -40.47 -21.74 -17.30
N LEU B 166 -40.99 -22.91 -16.95
CA LEU B 166 -42.39 -23.20 -17.17
C LEU B 166 -43.23 -22.39 -16.18
N LEU B 167 -42.74 -22.29 -14.96
CA LEU B 167 -43.49 -21.49 -14.00
C LEU B 167 -43.53 -20.02 -14.46
N GLU B 168 -42.38 -19.50 -14.90
CA GLU B 168 -42.30 -18.09 -15.31
C GLU B 168 -42.98 -17.76 -16.64
N SER B 169 -42.91 -18.70 -17.57
CA SER B 169 -43.44 -18.45 -18.90
C SER B 169 -44.81 -19.04 -19.15
N PHE B 170 -45.20 -19.99 -18.32
CA PHE B 170 -46.51 -20.61 -18.48
C PHE B 170 -47.47 -20.44 -17.30
N LEU B 171 -47.15 -21.03 -16.14
CA LEU B 171 -48.07 -20.94 -14.99
C LEU B 171 -48.60 -19.57 -14.60
N PHE B 172 -47.80 -18.53 -14.77
CA PHE B 172 -48.28 -17.20 -14.42
C PHE B 172 -49.42 -16.66 -15.30
N TYR B 173 -49.58 -17.15 -16.52
CA TYR B 173 -50.60 -16.54 -17.37
C TYR B 173 -52.09 -16.88 -17.22
N SER B 174 -52.43 -18.03 -16.66
CA SER B 174 -53.85 -18.32 -16.45
C SER B 174 -54.29 -17.14 -15.59
N GLY B 175 -53.29 -16.51 -14.97
CA GLY B 175 -53.50 -15.38 -14.08
C GLY B 175 -53.41 -13.99 -14.68
N PHE B 176 -52.39 -13.70 -15.50
CA PHE B 176 -52.29 -12.35 -16.05
C PHE B 176 -53.45 -12.02 -16.99
N TYR B 177 -54.13 -13.05 -17.48
CA TYR B 177 -55.26 -12.84 -18.39
C TYR B 177 -56.34 -11.92 -17.76
N LEU B 178 -56.78 -12.24 -16.54
CA LEU B 178 -57.84 -11.44 -15.89
C LEU B 178 -57.56 -9.94 -15.82
N PRO B 179 -56.39 -9.52 -15.28
CA PRO B 179 -56.16 -8.08 -15.25
C PRO B 179 -56.01 -7.44 -16.63
N MET B 180 -55.57 -8.20 -17.63
CA MET B 180 -55.45 -7.60 -18.97
C MET B 180 -56.87 -7.48 -19.57
N TYR B 181 -57.72 -8.44 -19.26
CA TYR B 181 -59.11 -8.40 -19.74
C TYR B 181 -59.80 -7.22 -19.13
N LEU B 182 -59.80 -7.17 -17.80
CA LEU B 182 -60.43 -6.06 -17.09
C LEU B 182 -59.91 -4.68 -17.49
N SER B 183 -58.61 -4.54 -17.68
CA SER B 183 -58.08 -3.21 -18.00
C SER B 183 -58.41 -2.69 -19.40
N SER B 184 -58.68 -3.61 -20.33
CA SER B 184 -59.03 -3.22 -21.68
C SER B 184 -60.48 -2.74 -21.63
N ARG B 185 -61.19 -3.13 -20.57
CA ARG B 185 -62.56 -2.71 -20.36
C ARG B 185 -62.62 -1.67 -19.23
N ALA B 186 -61.57 -0.85 -19.17
CA ALA B 186 -61.42 0.21 -18.19
C ALA B 186 -61.61 -0.14 -16.70
N LYS B 187 -61.42 -1.41 -16.35
CA LYS B 187 -61.53 -1.82 -14.95
C LYS B 187 -60.14 -2.11 -14.36
N LEU B 188 -59.89 -1.56 -13.17
CA LEU B 188 -58.62 -1.71 -12.43
C LEU B 188 -57.36 -1.40 -13.25
N THR B 189 -57.31 -0.21 -13.84
CA THR B 189 -56.17 0.17 -14.69
C THR B 189 -54.81 0.39 -13.97
N ASN B 190 -54.85 0.91 -12.75
CA ASN B 190 -53.63 1.13 -11.99
C ASN B 190 -53.05 -0.22 -11.62
N THR B 191 -53.93 -1.11 -11.18
CA THR B 191 -53.57 -2.46 -10.84
C THR B 191 -52.94 -3.14 -12.07
N ALA B 192 -53.47 -2.87 -13.25
CA ALA B 192 -52.89 -3.45 -14.46
C ALA B 192 -51.48 -2.92 -14.69
N ASP B 193 -51.20 -1.70 -14.23
CA ASP B 193 -49.87 -1.17 -14.37
C ASP B 193 -48.91 -2.00 -13.51
N ILE B 194 -49.33 -2.39 -12.31
CA ILE B 194 -48.47 -3.24 -11.46
C ILE B 194 -48.25 -4.57 -12.19
N ILE B 195 -49.32 -5.14 -12.76
CA ILE B 195 -49.20 -6.40 -13.47
C ILE B 195 -48.22 -6.26 -14.64
N ARG B 196 -48.21 -5.12 -15.31
CA ARG B 196 -47.31 -4.92 -16.44
C ARG B 196 -45.86 -4.84 -15.97
N LEU B 197 -45.60 -4.28 -14.78
CA LEU B 197 -44.23 -4.24 -14.28
C LEU B 197 -43.80 -5.67 -13.93
N ILE B 198 -44.72 -6.46 -13.40
CA ILE B 198 -44.41 -7.83 -13.04
C ILE B 198 -44.12 -8.62 -14.33
N ILE B 199 -44.97 -8.41 -15.32
CA ILE B 199 -44.77 -9.12 -16.58
C ILE B 199 -43.44 -8.75 -17.19
N ARG B 200 -43.03 -7.49 -17.03
CA ARG B 200 -41.76 -7.07 -17.61
C ARG B 200 -40.61 -7.86 -16.97
N ASP B 201 -40.78 -8.26 -15.70
CA ASP B 201 -39.77 -9.03 -14.99
C ASP B 201 -39.84 -10.49 -15.39
N GLU B 202 -41.03 -11.07 -15.31
CA GLU B 202 -41.18 -12.48 -15.63
C GLU B 202 -40.77 -12.83 -17.06
N SER B 203 -40.99 -11.94 -18.03
CA SER B 203 -40.59 -12.30 -19.38
C SER B 203 -39.05 -12.44 -19.42
N VAL B 204 -38.35 -11.52 -18.74
CA VAL B 204 -36.89 -11.58 -18.65
C VAL B 204 -36.50 -12.83 -17.86
N HIS B 205 -37.15 -13.08 -16.71
CA HIS B 205 -36.79 -14.27 -15.94
C HIS B 205 -36.86 -15.56 -16.76
N GLY B 206 -37.96 -15.77 -17.49
CA GLY B 206 -38.15 -16.98 -18.28
C GLY B 206 -37.17 -17.01 -19.44
N TYR B 207 -36.91 -15.86 -20.02
CA TYR B 207 -35.95 -15.83 -21.12
C TYR B 207 -34.58 -16.24 -20.61
N TYR B 208 -34.14 -15.59 -19.54
CA TYR B 208 -32.80 -15.89 -19.00
C TYR B 208 -32.61 -17.31 -18.49
N ILE B 209 -33.58 -17.81 -17.73
CA ILE B 209 -33.39 -19.13 -17.22
C ILE B 209 -33.46 -20.18 -18.32
N GLY B 210 -34.30 -19.93 -19.33
CA GLY B 210 -34.42 -20.84 -20.46
C GLY B 210 -33.09 -20.90 -21.21
N TYR B 211 -32.48 -19.73 -21.34
CA TYR B 211 -31.18 -19.59 -21.98
C TYR B 211 -30.12 -20.40 -21.27
N LYS B 212 -30.15 -20.42 -19.95
CA LYS B 212 -29.13 -21.17 -19.21
C LYS B 212 -29.40 -22.67 -19.34
N TYR B 213 -30.67 -23.06 -19.45
CA TYR B 213 -30.99 -24.48 -19.62
C TYR B 213 -30.43 -24.94 -20.99
N GLN B 214 -30.64 -24.12 -22.01
CA GLN B 214 -30.16 -24.44 -23.35
C GLN B 214 -28.64 -24.62 -23.38
N GLN B 215 -27.91 -23.73 -22.71
CA GLN B 215 -26.46 -23.87 -22.71
C GLN B 215 -26.09 -25.13 -21.92
N GLY B 216 -26.84 -25.44 -20.86
CA GLY B 216 -26.49 -26.62 -20.11
C GLY B 216 -26.73 -27.92 -20.89
N VAL B 217 -27.91 -27.99 -21.51
CA VAL B 217 -28.31 -29.19 -22.23
C VAL B 217 -27.39 -29.60 -23.39
N LYS B 218 -26.86 -28.62 -24.11
CA LYS B 218 -25.96 -28.89 -25.23
C LYS B 218 -24.59 -29.43 -24.78
N LYS B 219 -24.41 -29.49 -23.46
CA LYS B 219 -23.20 -30.02 -22.85
C LYS B 219 -23.42 -31.49 -22.60
N LEU B 220 -24.52 -32.03 -23.11
CA LEU B 220 -24.78 -33.44 -22.87
C LEU B 220 -24.65 -34.27 -24.16
N SER B 221 -24.64 -35.58 -23.98
CA SER B 221 -24.53 -36.52 -25.09
C SER B 221 -25.85 -36.53 -25.86
N GLU B 222 -25.79 -36.95 -27.12
CA GLU B 222 -26.96 -37.03 -27.98
C GLU B 222 -28.14 -37.67 -27.23
N ALA B 223 -27.91 -38.83 -26.62
CA ALA B 223 -28.97 -39.53 -25.91
C ALA B 223 -29.55 -38.73 -24.76
N GLU B 224 -28.69 -38.16 -23.92
CA GLU B 224 -29.21 -37.39 -22.81
C GLU B 224 -29.99 -36.19 -23.31
N GLN B 225 -29.50 -35.51 -24.35
CA GLN B 225 -30.23 -34.35 -24.84
C GLN B 225 -31.64 -34.76 -25.28
N GLU B 226 -31.78 -35.94 -25.87
CA GLU B 226 -33.11 -36.35 -26.29
C GLU B 226 -33.98 -36.68 -25.10
N GLU B 227 -33.37 -37.16 -24.02
CA GLU B 227 -34.14 -37.50 -22.81
C GLU B 227 -34.65 -36.22 -22.11
N TYR B 228 -33.87 -35.15 -22.15
CA TYR B 228 -34.31 -33.91 -21.54
C TYR B 228 -35.39 -33.26 -22.37
N LYS B 229 -35.34 -33.46 -23.68
CA LYS B 229 -36.35 -32.87 -24.56
C LYS B 229 -37.66 -33.57 -24.25
N ALA B 230 -37.58 -34.89 -24.11
CA ALA B 230 -38.77 -35.68 -23.82
C ALA B 230 -39.30 -35.32 -22.43
N TYR B 231 -38.39 -35.09 -21.49
CA TYR B 231 -38.80 -34.75 -20.16
C TYR B 231 -39.55 -33.41 -20.12
N THR B 232 -39.03 -32.43 -20.84
CA THR B 232 -39.66 -31.10 -20.90
C THR B 232 -41.09 -31.14 -21.47
N PHE B 233 -41.27 -31.81 -22.60
CA PHE B 233 -42.60 -31.88 -23.21
C PHE B 233 -43.57 -32.66 -22.28
N ASP B 234 -43.07 -33.69 -21.63
CA ASP B 234 -43.90 -34.45 -20.70
C ASP B 234 -44.42 -33.60 -19.54
N LEU B 235 -43.53 -32.82 -18.92
CA LEU B 235 -43.93 -31.95 -17.82
C LEU B 235 -44.87 -30.87 -18.35
N MET B 236 -44.54 -30.34 -19.52
CA MET B 236 -45.36 -29.29 -20.12
C MET B 236 -46.80 -29.80 -20.32
N TYR B 237 -46.97 -31.04 -20.76
CA TYR B 237 -48.33 -31.52 -20.94
C TYR B 237 -49.03 -31.68 -19.59
N ASP B 238 -48.33 -32.24 -18.61
CA ASP B 238 -48.86 -32.42 -17.24
C ASP B 238 -49.35 -31.08 -16.68
N LEU B 239 -48.45 -30.10 -16.69
CA LEU B 239 -48.78 -28.77 -16.19
C LEU B 239 -49.94 -28.15 -16.93
N TYR B 240 -49.96 -28.37 -18.24
CA TYR B 240 -51.03 -27.84 -19.08
C TYR B 240 -52.40 -28.44 -18.74
N GLU B 241 -52.47 -29.76 -18.56
CA GLU B 241 -53.76 -30.40 -18.23
C GLU B 241 -54.27 -29.89 -16.91
N ASN B 242 -53.38 -29.82 -15.93
CA ASN B 242 -53.77 -29.32 -14.62
C ASN B 242 -54.23 -27.86 -14.74
N GLU B 243 -53.53 -27.07 -15.55
CA GLU B 243 -53.93 -25.66 -15.70
C GLU B 243 -55.32 -25.53 -16.35
N ILE B 244 -55.67 -26.48 -17.20
CA ILE B 244 -57.01 -26.44 -17.84
C ILE B 244 -58.12 -26.55 -16.77
N GLU B 245 -57.97 -27.54 -15.91
CA GLU B 245 -58.91 -27.79 -14.83
C GLU B 245 -58.96 -26.60 -13.89
N TYR B 246 -57.81 -25.98 -13.68
CA TYR B 246 -57.73 -24.82 -12.80
C TYR B 246 -58.45 -23.63 -13.45
N THR B 247 -58.25 -23.47 -14.76
CA THR B 247 -58.87 -22.37 -15.49
C THR B 247 -60.40 -22.56 -15.52
N GLU B 248 -60.87 -23.79 -15.75
CA GLU B 248 -62.31 -24.01 -15.77
C GLU B 248 -62.92 -23.50 -14.46
N ASP B 249 -62.32 -23.87 -13.33
CA ASP B 249 -62.86 -23.45 -12.04
C ASP B 249 -62.83 -21.97 -11.75
N ILE B 250 -61.91 -21.24 -12.39
CA ILE B 250 -61.84 -19.82 -12.16
C ILE B 250 -62.73 -19.00 -13.09
N TYR B 251 -62.70 -19.32 -14.37
CA TYR B 251 -63.42 -18.49 -15.31
C TYR B 251 -64.79 -18.90 -15.81
N ASP B 252 -65.22 -20.14 -15.53
CA ASP B 252 -66.51 -20.59 -16.01
C ASP B 252 -67.69 -19.70 -15.62
N ASP B 253 -67.80 -19.30 -14.36
CA ASP B 253 -68.91 -18.43 -13.99
C ASP B 253 -68.86 -17.24 -14.94
N LEU B 254 -67.66 -16.76 -15.24
CA LEU B 254 -67.48 -15.61 -16.12
C LEU B 254 -67.66 -15.93 -17.61
N GLY B 255 -67.42 -17.18 -18.00
CA GLY B 255 -67.52 -17.56 -19.39
C GLY B 255 -66.40 -16.98 -20.23
N TRP B 256 -65.21 -16.84 -19.64
CA TRP B 256 -64.07 -16.32 -20.37
C TRP B 256 -63.21 -17.50 -20.71
N THR B 257 -63.55 -18.64 -20.13
CA THR B 257 -62.79 -19.88 -20.27
C THR B 257 -62.17 -20.24 -21.63
N GLU B 258 -62.98 -20.19 -22.68
CA GLU B 258 -62.46 -20.56 -23.99
C GLU B 258 -61.34 -19.64 -24.41
N ASP B 259 -61.51 -18.34 -24.19
CA ASP B 259 -60.45 -17.41 -24.56
C ASP B 259 -59.20 -17.61 -23.68
N VAL B 260 -59.39 -17.92 -22.40
CA VAL B 260 -58.26 -18.13 -21.49
C VAL B 260 -57.47 -19.38 -21.91
N LYS B 261 -58.17 -20.44 -22.29
CA LYS B 261 -57.51 -21.68 -22.70
C LYS B 261 -56.60 -21.46 -23.90
N ARG B 262 -56.99 -20.54 -24.76
CA ARG B 262 -56.19 -20.22 -25.93
C ARG B 262 -54.96 -19.46 -25.48
N PHE B 263 -55.14 -18.60 -24.50
CA PHE B 263 -54.05 -17.80 -23.94
C PHE B 263 -53.05 -18.76 -23.31
N LEU B 264 -53.53 -19.87 -22.76
CA LEU B 264 -52.63 -20.85 -22.15
C LEU B 264 -51.77 -21.54 -23.20
N ARG B 265 -52.36 -21.90 -24.32
CA ARG B 265 -51.61 -22.58 -25.36
C ARG B 265 -50.63 -21.63 -25.99
N TYR B 266 -51.00 -20.37 -26.06
CA TYR B 266 -50.09 -19.39 -26.61
C TYR B 266 -48.83 -19.31 -25.71
N ASN B 267 -49.02 -19.33 -24.40
CA ASN B 267 -47.85 -19.20 -23.55
C ASN B 267 -47.10 -20.50 -23.36
N ALA B 268 -47.80 -21.61 -23.48
CA ALA B 268 -47.11 -22.88 -23.37
C ALA B 268 -46.07 -22.90 -24.50
N ASN B 269 -46.43 -22.40 -25.68
CA ASN B 269 -45.48 -22.42 -26.79
C ASN B 269 -44.26 -21.53 -26.52
N LYS B 270 -44.52 -20.32 -26.01
CA LYS B 270 -43.44 -19.39 -25.69
C LYS B 270 -42.52 -19.98 -24.63
N ALA B 271 -43.08 -20.71 -23.67
CA ALA B 271 -42.23 -21.31 -22.64
C ALA B 271 -41.31 -22.35 -23.28
N LEU B 272 -41.84 -23.16 -24.22
CA LEU B 272 -41.02 -24.18 -24.88
C LEU B 272 -39.97 -23.48 -25.75
N ASN B 273 -40.35 -22.38 -26.43
CA ASN B 273 -39.33 -21.68 -27.23
C ASN B 273 -38.24 -21.15 -26.27
N ASN B 274 -38.63 -20.55 -25.14
CA ASN B 274 -37.60 -20.07 -24.22
C ASN B 274 -36.59 -21.17 -23.88
N LEU B 275 -37.04 -22.44 -23.85
CA LEU B 275 -36.16 -23.56 -23.55
C LEU B 275 -35.46 -24.13 -24.80
N GLY B 276 -35.63 -23.45 -25.92
CA GLY B 276 -35.01 -23.88 -27.15
C GLY B 276 -35.77 -24.92 -27.97
N TYR B 277 -37.03 -25.21 -27.65
CA TYR B 277 -37.82 -26.19 -28.37
C TYR B 277 -38.97 -25.53 -29.11
N GLU B 278 -39.48 -26.22 -30.12
CA GLU B 278 -40.60 -25.70 -30.91
C GLU B 278 -41.81 -25.81 -30.00
N GLY B 279 -42.87 -25.06 -30.32
CA GLY B 279 -44.09 -25.08 -29.54
C GLY B 279 -44.81 -26.44 -29.48
N LEU B 280 -45.73 -26.58 -28.54
CA LEU B 280 -46.47 -27.82 -28.36
C LEU B 280 -47.83 -27.76 -29.05
N PHE B 281 -48.29 -26.55 -29.32
CA PHE B 281 -49.60 -26.36 -29.94
C PHE B 281 -49.55 -25.66 -31.29
N PRO B 282 -50.37 -26.14 -32.25
CA PRO B 282 -50.41 -25.54 -33.58
C PRO B 282 -50.74 -24.08 -33.35
N THR B 283 -50.29 -23.22 -34.24
CA THR B 283 -50.55 -21.80 -34.09
C THR B 283 -52.06 -21.46 -34.11
N ASP B 284 -52.83 -22.12 -34.96
CA ASP B 284 -54.25 -21.82 -35.03
C ASP B 284 -54.99 -22.06 -33.71
N GLU B 285 -54.42 -22.87 -32.84
CA GLU B 285 -55.03 -23.19 -31.54
C GLU B 285 -54.62 -22.22 -30.44
N THR B 286 -53.84 -21.21 -30.81
CA THR B 286 -53.37 -20.21 -29.85
C THR B 286 -53.85 -18.82 -30.24
N LYS B 287 -55.02 -18.74 -30.86
CA LYS B 287 -55.61 -17.48 -31.30
C LYS B 287 -56.38 -16.78 -30.18
N VAL B 288 -55.64 -16.15 -29.28
CA VAL B 288 -56.25 -15.46 -28.15
C VAL B 288 -56.83 -14.15 -28.63
N SER B 289 -57.92 -13.71 -28.02
CA SER B 289 -58.54 -12.46 -28.42
C SER B 289 -57.49 -11.37 -28.60
N PRO B 290 -57.64 -10.53 -29.63
CA PRO B 290 -56.68 -9.45 -29.91
C PRO B 290 -56.55 -8.50 -28.71
N ALA B 291 -57.69 -8.09 -28.17
CA ALA B 291 -57.71 -7.17 -27.04
C ALA B 291 -56.85 -7.59 -25.84
N ILE B 292 -56.59 -8.88 -25.71
CA ILE B 292 -55.79 -9.41 -24.60
C ILE B 292 -54.29 -9.32 -24.84
N LEU B 293 -53.81 -9.92 -25.93
CA LEU B 293 -52.38 -9.86 -26.24
C LEU B 293 -52.02 -8.40 -26.52
N SER B 294 -53.05 -7.60 -26.81
CA SER B 294 -52.87 -6.17 -27.06
C SER B 294 -52.60 -5.47 -25.74
N SER B 295 -53.51 -5.61 -24.78
CA SER B 295 -53.36 -5.00 -23.45
C SER B 295 -51.93 -5.14 -22.95
N LEU B 296 -51.32 -6.29 -23.23
CA LEU B 296 -49.96 -6.58 -22.83
C LEU B 296 -49.00 -5.51 -23.31
N SER B 297 -48.68 -5.56 -24.61
CA SER B 297 -47.76 -4.62 -25.23
C SER B 297 -48.41 -3.28 -25.56
N SER C 2 11.43 23.40 -24.57
CA SER C 2 12.67 23.82 -23.83
C SER C 2 12.81 23.07 -22.52
N ASN C 3 14.05 22.90 -22.05
CA ASN C 3 14.30 22.21 -20.78
C ASN C 3 14.88 23.15 -19.73
N GLU C 4 14.42 22.97 -18.50
CA GLU C 4 14.86 23.75 -17.35
C GLU C 4 16.39 23.75 -17.20
N TYR C 5 17.02 22.65 -17.59
CA TYR C 5 18.47 22.50 -17.47
C TYR C 5 19.29 23.01 -18.65
N ASP C 6 18.62 23.39 -19.74
CA ASP C 6 19.26 23.86 -20.96
C ASP C 6 20.31 24.95 -20.81
N GLU C 7 20.01 25.96 -19.99
CA GLU C 7 20.96 27.06 -19.82
C GLU C 7 22.21 26.56 -19.11
N TYR C 8 22.04 25.75 -18.07
CA TYR C 8 23.18 25.21 -17.36
C TYR C 8 24.10 24.46 -18.32
N ILE C 9 23.50 23.58 -19.11
CA ILE C 9 24.22 22.77 -20.07
C ILE C 9 24.86 23.67 -21.10
N ALA C 10 24.11 24.68 -21.53
CA ALA C 10 24.61 25.64 -22.51
C ALA C 10 25.83 26.38 -22.00
N ASN C 11 25.88 26.62 -20.68
CA ASN C 11 26.97 27.38 -20.04
C ASN C 11 28.15 26.55 -19.52
N HIS C 12 27.98 25.25 -19.48
CA HIS C 12 29.08 24.39 -19.02
C HIS C 12 29.48 23.49 -20.16
N THR C 13 30.37 24.04 -20.98
CA THR C 13 30.88 23.38 -22.17
C THR C 13 31.98 22.31 -21.92
N ASP C 14 32.89 22.58 -20.98
CA ASP C 14 33.93 21.61 -20.68
C ASP C 14 33.30 20.27 -20.33
N PRO C 15 34.00 19.17 -20.62
CA PRO C 15 33.36 17.91 -20.25
C PRO C 15 33.56 17.70 -18.75
N VAL C 16 32.65 16.94 -18.16
CA VAL C 16 32.75 16.62 -16.74
C VAL C 16 33.80 15.49 -16.76
N LYS C 17 34.76 15.51 -15.84
CA LYS C 17 35.80 14.46 -15.83
C LYS C 17 35.63 13.40 -14.75
N ALA C 18 35.95 12.16 -15.11
CA ALA C 18 35.86 11.05 -14.16
C ALA C 18 37.25 10.91 -13.49
N ILE C 19 37.29 10.56 -12.21
CA ILE C 19 38.59 10.43 -11.52
C ILE C 19 39.32 9.22 -12.15
N ASN C 20 40.64 9.36 -12.32
CA ASN C 20 41.47 8.31 -12.92
C ASN C 20 42.62 8.05 -11.96
N TRP C 21 42.57 6.93 -11.25
CA TRP C 21 43.62 6.65 -10.30
C TRP C 21 44.84 6.03 -10.99
N ASN C 22 44.78 5.85 -12.31
CA ASN C 22 46.00 5.33 -12.99
C ASN C 22 47.01 6.49 -13.21
N VAL C 23 46.57 7.73 -13.00
CA VAL C 23 47.45 8.91 -13.15
C VAL C 23 47.27 9.81 -11.91
N ILE C 24 48.29 9.85 -11.07
CA ILE C 24 48.23 10.62 -9.81
C ILE C 24 49.26 11.76 -9.83
N PRO C 25 48.82 13.00 -10.05
CA PRO C 25 49.82 14.08 -10.06
C PRO C 25 50.56 14.26 -8.72
N ASP C 26 49.85 14.01 -7.62
CA ASP C 26 50.44 14.17 -6.29
C ASP C 26 50.38 12.83 -5.53
N GLU C 27 51.51 12.14 -5.44
CA GLU C 27 51.54 10.87 -4.74
C GLU C 27 51.09 10.91 -3.29
N LYS C 28 51.21 12.08 -2.65
CA LYS C 28 50.79 12.21 -1.27
C LYS C 28 49.29 11.87 -1.13
N ASP C 29 48.52 12.25 -2.13
CA ASP C 29 47.07 11.98 -2.12
C ASP C 29 46.79 10.50 -1.97
N LEU C 30 47.57 9.66 -2.66
CA LEU C 30 47.32 8.23 -2.62
C LEU C 30 47.82 7.67 -1.32
N GLU C 31 48.97 8.17 -0.83
CA GLU C 31 49.53 7.69 0.43
C GLU C 31 48.55 7.93 1.59
N VAL C 32 48.01 9.14 1.66
CA VAL C 32 47.04 9.49 2.72
C VAL C 32 45.73 8.71 2.53
N TRP C 33 45.30 8.54 1.27
CA TRP C 33 44.09 7.75 1.03
C TRP C 33 44.26 6.35 1.60
N ASP C 34 45.42 5.75 1.30
CA ASP C 34 45.71 4.38 1.75
C ASP C 34 45.78 4.31 3.27
N ARG C 35 46.44 5.30 3.85
CA ARG C 35 46.62 5.37 5.28
C ARG C 35 45.25 5.57 5.99
N LEU C 36 44.43 6.51 5.49
CA LEU C 36 43.14 6.75 6.14
C LEU C 36 42.17 5.60 5.99
N THR C 37 42.02 5.09 4.77
CA THR C 37 41.10 3.98 4.59
C THR C 37 41.60 2.75 5.29
N GLY C 38 42.92 2.57 5.36
CA GLY C 38 43.47 1.41 6.05
C GLY C 38 43.21 1.52 7.57
N ASN C 39 43.03 2.73 8.11
CA ASN C 39 42.77 2.90 9.54
C ASN C 39 41.27 2.97 9.89
N PHE C 40 40.42 2.57 8.94
CA PHE C 40 38.99 2.58 9.13
C PHE C 40 38.63 1.84 10.40
N TRP C 41 37.71 2.40 11.18
CA TRP C 41 37.26 1.77 12.41
C TRP C 41 35.87 2.28 12.76
N LEU C 42 35.18 1.56 13.63
CA LEU C 42 33.84 1.93 14.10
C LEU C 42 33.85 1.79 15.63
N PRO C 43 33.15 2.69 16.35
CA PRO C 43 33.14 2.61 17.82
C PRO C 43 32.57 1.34 18.43
N GLU C 44 31.64 0.69 17.75
CA GLU C 44 31.07 -0.55 18.25
C GLU C 44 32.21 -1.53 18.52
N LYS C 45 33.36 -1.28 17.89
CA LYS C 45 34.55 -2.11 18.02
C LYS C 45 35.26 -2.08 19.40
N ILE C 46 35.04 -1.04 20.19
CA ILE C 46 35.67 -0.97 21.51
C ILE C 46 34.64 -1.12 22.62
N PRO C 47 34.88 -2.03 23.57
CA PRO C 47 33.93 -2.22 24.67
C PRO C 47 34.04 -1.12 25.70
N VAL C 48 33.04 -0.25 25.81
CA VAL C 48 33.13 0.80 26.80
C VAL C 48 32.53 0.42 28.14
N SER C 49 31.64 -0.56 28.12
CA SER C 49 30.96 -1.01 29.34
C SER C 49 31.93 -1.31 30.46
N ASN C 50 33.16 -1.65 30.10
CA ASN C 50 34.16 -1.93 31.11
C ASN C 50 34.63 -0.69 31.87
N ASP C 51 34.32 0.50 31.35
CA ASP C 51 34.72 1.73 32.05
C ASP C 51 33.67 2.10 33.13
N ILE C 52 32.55 1.37 33.18
CA ILE C 52 31.51 1.69 34.18
C ILE C 52 32.06 1.73 35.61
N GLN C 53 32.94 0.78 35.94
CA GLN C 53 33.54 0.73 37.26
C GLN C 53 34.33 2.00 37.63
N SER C 54 35.22 2.44 36.75
CA SER C 54 36.00 3.63 37.06
C SER C 54 35.16 4.90 36.98
N TRP C 55 34.13 4.92 36.14
CA TRP C 55 33.28 6.09 36.03
C TRP C 55 32.57 6.35 37.37
N ASN C 56 32.17 5.25 38.03
CA ASN C 56 31.49 5.37 39.32
C ASN C 56 32.43 5.83 40.38
N LYS C 57 33.72 5.84 40.06
CA LYS C 57 34.68 6.32 41.04
C LYS C 57 35.14 7.77 40.79
N MET C 58 34.56 8.40 39.78
CA MET C 58 34.90 9.78 39.46
C MET C 58 34.04 10.78 40.21
N THR C 59 34.59 11.95 40.55
CA THR C 59 33.77 12.95 41.28
C THR C 59 32.71 13.55 40.36
N PRO C 60 31.69 14.20 40.95
CA PRO C 60 30.66 14.81 40.12
C PRO C 60 31.30 15.89 39.17
N GLN C 61 32.29 16.61 39.65
CA GLN C 61 32.98 17.58 38.81
C GLN C 61 33.74 16.88 37.67
N GLU C 62 34.33 15.70 37.94
CA GLU C 62 35.04 15.00 36.87
C GLU C 62 34.04 14.48 35.87
N GLN C 63 32.89 14.01 36.32
CA GLN C 63 31.92 13.48 35.37
C GLN C 63 31.32 14.60 34.54
N LEU C 64 31.11 15.75 35.16
CA LEU C 64 30.52 16.91 34.46
C LEU C 64 31.48 17.40 33.37
N ALA C 65 32.75 17.53 33.76
CA ALA C 65 33.78 17.98 32.84
C ALA C 65 33.92 16.97 31.69
N THR C 66 33.88 15.66 31.97
CA THR C 66 33.98 14.66 30.89
C THR C 66 32.83 14.82 29.90
N MET C 67 31.61 14.93 30.43
CA MET C 67 30.43 15.07 29.59
C MET C 67 30.52 16.35 28.73
N ARG C 68 30.97 17.43 29.33
CA ARG C 68 31.05 18.68 28.55
C ARG C 68 32.16 18.60 27.47
N VAL C 69 33.32 18.08 27.86
CA VAL C 69 34.44 17.97 26.93
C VAL C 69 34.02 17.11 25.75
N PHE C 70 33.39 15.96 26.02
CA PHE C 70 32.90 15.12 24.89
C PHE C 70 31.82 15.76 24.00
N THR C 71 30.95 16.58 24.58
CA THR C 71 29.92 17.22 23.79
C THR C 71 30.62 18.27 22.92
N GLY C 72 31.62 18.93 23.50
CA GLY C 72 32.38 19.93 22.77
C GLY C 72 33.13 19.26 21.62
N LEU C 73 33.68 18.07 21.86
CA LEU C 73 34.40 17.37 20.78
C LEU C 73 33.41 16.92 19.70
N THR C 74 32.22 16.48 20.12
CA THR C 74 31.21 16.06 19.18
C THR C 74 30.80 17.22 18.24
N LEU C 75 30.63 18.40 18.82
CA LEU C 75 30.28 19.60 18.04
C LEU C 75 31.34 19.89 16.98
N LEU C 76 32.61 19.92 17.39
CA LEU C 76 33.68 20.16 16.42
C LEU C 76 33.74 19.07 15.32
N ASP C 77 33.58 17.79 15.68
CA ASP C 77 33.58 16.75 14.63
C ASP C 77 32.37 16.87 13.75
N THR C 78 31.24 17.31 14.34
CA THR C 78 30.04 17.51 13.56
C THR C 78 30.33 18.57 12.50
N ILE C 79 30.92 19.67 12.94
CA ILE C 79 31.28 20.79 12.00
C ILE C 79 32.30 20.33 10.95
N GLN C 80 33.36 19.67 11.39
CA GLN C 80 34.41 19.27 10.45
C GLN C 80 33.90 18.28 9.40
N GLY C 81 33.00 17.40 9.81
CA GLY C 81 32.46 16.40 8.91
C GLY C 81 31.39 16.88 7.96
N THR C 82 30.48 17.73 8.43
CA THR C 82 29.42 18.20 7.59
C THR C 82 29.61 19.54 6.97
N VAL C 83 30.64 20.26 7.38
CA VAL C 83 30.88 21.59 6.82
C VAL C 83 32.33 21.78 6.39
N GLY C 84 33.25 21.54 7.31
CA GLY C 84 34.68 21.77 7.01
C GLY C 84 35.28 20.98 5.89
N ALA C 85 35.27 19.66 6.04
CA ALA C 85 35.86 18.79 5.04
C ALA C 85 35.18 19.04 3.69
N ILE C 86 33.86 19.15 3.73
CA ILE C 86 33.04 19.38 2.56
C ILE C 86 33.43 20.67 1.85
N SER C 87 33.68 21.73 2.62
CA SER C 87 34.03 23.01 2.01
C SER C 87 35.39 22.95 1.34
N LEU C 88 36.21 21.95 1.66
CA LEU C 88 37.54 21.90 0.99
C LEU C 88 37.52 21.31 -0.42
N LEU C 89 36.48 20.54 -0.72
CA LEU C 89 36.34 19.89 -2.04
C LEU C 89 36.51 20.77 -3.26
N PRO C 90 35.72 21.84 -3.36
CA PRO C 90 35.86 22.69 -4.54
C PRO C 90 37.25 23.30 -4.78
N ASP C 91 38.06 23.44 -3.73
CA ASP C 91 39.40 24.04 -3.91
C ASP C 91 40.51 23.04 -4.14
N ALA C 92 40.16 21.76 -4.17
CA ALA C 92 41.18 20.73 -4.35
C ALA C 92 42.04 20.90 -5.57
N GLU C 93 43.32 20.57 -5.44
CA GLU C 93 44.21 20.68 -6.59
C GLU C 93 44.06 19.48 -7.50
N THR C 94 43.64 18.34 -6.95
CA THR C 94 43.52 17.12 -7.77
C THR C 94 42.21 16.43 -7.43
N MET C 95 41.77 15.56 -8.31
CA MET C 95 40.54 14.85 -8.00
C MET C 95 40.81 13.83 -6.90
N HIS C 96 42.04 13.34 -6.78
CA HIS C 96 42.30 12.33 -5.73
C HIS C 96 42.25 12.98 -4.32
N GLU C 97 42.64 14.24 -4.23
CA GLU C 97 42.56 14.98 -2.98
C GLU C 97 41.06 15.12 -2.59
N GLU C 98 40.17 15.28 -3.58
CA GLU C 98 38.75 15.40 -3.27
C GLU C 98 38.29 14.09 -2.67
N ALA C 99 38.77 12.99 -3.23
CA ALA C 99 38.37 11.68 -2.69
C ALA C 99 38.80 11.56 -1.22
N VAL C 100 40.01 12.02 -0.92
CA VAL C 100 40.52 12.00 0.45
C VAL C 100 39.60 12.86 1.40
N TYR C 101 39.15 14.03 0.95
CA TYR C 101 38.25 14.84 1.78
C TYR C 101 36.94 14.11 2.05
N THR C 102 36.44 13.33 1.09
CA THR C 102 35.18 12.60 1.37
C THR C 102 35.44 11.56 2.45
N ASN C 103 36.65 10.99 2.48
CA ASN C 103 36.95 10.06 3.56
C ASN C 103 37.03 10.76 4.92
N ILE C 104 37.66 11.93 4.95
CA ILE C 104 37.80 12.72 6.22
C ILE C 104 36.39 13.10 6.69
N ALA C 105 35.52 13.52 5.76
CA ALA C 105 34.14 13.91 6.14
C ALA C 105 33.46 12.74 6.84
N PHE C 106 33.48 11.58 6.19
CA PHE C 106 32.92 10.39 6.79
C PHE C 106 33.55 10.03 8.15
N MET C 107 34.89 10.01 8.28
CA MET C 107 35.47 9.59 9.55
C MET C 107 35.15 10.62 10.67
N GLU C 108 34.95 11.88 10.33
CA GLU C 108 34.56 12.85 11.43
C GLU C 108 33.14 12.47 11.96
N SER C 109 32.27 11.97 11.08
CA SER C 109 30.96 11.53 11.51
C SER C 109 31.13 10.31 12.38
N VAL C 110 32.13 9.47 12.07
CA VAL C 110 32.40 8.30 12.92
C VAL C 110 32.95 8.75 14.29
N HIS C 111 33.82 9.76 14.30
CA HIS C 111 34.35 10.30 15.57
C HIS C 111 33.20 10.82 16.42
N ALA C 112 32.39 11.64 15.78
CA ALA C 112 31.26 12.26 16.46
C ALA C 112 30.34 11.17 17.03
N LYS C 113 30.05 10.12 16.27
CA LYS C 113 29.21 9.04 16.80
C LYS C 113 29.87 8.29 17.95
N SER C 114 31.17 8.14 17.89
CA SER C 114 31.87 7.40 18.92
C SER C 114 31.67 8.02 20.32
N TYR C 115 31.60 9.36 20.41
CA TYR C 115 31.34 10.01 21.72
C TYR C 115 29.94 9.58 22.23
N SER C 116 28.98 9.42 21.32
CA SER C 116 27.64 8.97 21.76
C SER C 116 27.67 7.53 22.31
N ASN C 117 28.50 6.66 21.75
CA ASN C 117 28.61 5.28 22.23
C ASN C 117 29.09 5.33 23.68
N ILE C 118 30.09 6.17 23.95
CA ILE C 118 30.60 6.34 25.32
C ILE C 118 29.48 6.84 26.26
N PHE C 119 28.79 7.91 25.87
CA PHE C 119 27.69 8.46 26.68
C PHE C 119 26.61 7.47 27.00
N MET C 120 26.14 6.84 25.95
CA MET C 120 25.08 5.89 26.06
C MET C 120 25.44 4.77 27.02
N THR C 121 26.72 4.48 27.15
CA THR C 121 27.13 3.44 28.07
C THR C 121 27.29 3.93 29.50
N LEU C 122 27.80 5.14 29.67
CA LEU C 122 28.11 5.61 31.00
C LEU C 122 27.16 6.60 31.65
N ALA C 123 26.53 7.44 30.86
CA ALA C 123 25.66 8.49 31.41
C ALA C 123 24.18 8.27 31.31
N SER C 124 23.46 8.96 32.18
CA SER C 124 22.00 8.92 32.20
C SER C 124 21.50 9.90 31.13
N THR C 125 20.30 9.69 30.61
CA THR C 125 19.71 10.56 29.61
C THR C 125 19.68 12.02 30.10
N PRO C 126 19.37 12.25 31.39
CA PRO C 126 19.35 13.61 31.92
C PRO C 126 20.74 14.26 31.86
N GLN C 127 21.79 13.49 32.15
CA GLN C 127 23.15 14.01 32.09
C GLN C 127 23.53 14.32 30.63
N ILE C 128 23.11 13.46 29.72
CA ILE C 128 23.41 13.63 28.31
C ILE C 128 22.72 14.87 27.78
N ASN C 129 21.42 15.00 28.05
CA ASN C 129 20.70 16.16 27.55
C ASN C 129 21.22 17.47 28.11
N GLU C 130 21.61 17.44 29.38
CA GLU C 130 22.17 18.63 30.01
C GLU C 130 23.51 19.01 29.36
N ALA C 131 24.31 18.01 28.99
CA ALA C 131 25.63 18.29 28.39
C ALA C 131 25.40 18.89 27.00
N PHE C 132 24.47 18.34 26.27
CA PHE C 132 24.18 18.92 24.97
C PHE C 132 23.64 20.35 25.14
N ARG C 133 22.73 20.57 26.07
CA ARG C 133 22.22 21.93 26.32
C ARG C 133 23.39 22.85 26.69
N TRP C 134 24.24 22.41 27.62
CA TRP C 134 25.37 23.22 28.04
C TRP C 134 26.24 23.64 26.84
N SER C 135 26.50 22.71 25.92
CA SER C 135 27.30 23.02 24.74
C SER C 135 26.62 24.01 23.79
N GLU C 136 25.29 24.00 23.72
CA GLU C 136 24.62 24.97 22.87
C GLU C 136 24.62 26.37 23.46
N GLU C 137 24.76 26.44 24.76
CA GLU C 137 24.72 27.74 25.40
C GLU C 137 26.08 28.23 25.87
N ASN C 138 27.15 27.42 25.72
CA ASN C 138 28.44 27.89 26.17
C ASN C 138 28.96 28.91 25.13
N GLU C 139 29.13 30.14 25.57
CA GLU C 139 29.57 31.17 24.64
C GLU C 139 30.95 30.99 24.03
N ASN C 140 31.92 30.47 24.78
CA ASN C 140 33.26 30.28 24.19
C ASN C 140 33.26 29.14 23.15
N LEU C 141 32.50 28.07 23.41
CA LEU C 141 32.44 26.98 22.43
C LEU C 141 31.73 27.41 21.16
N GLN C 142 30.64 28.16 21.35
CA GLN C 142 29.89 28.64 20.22
C GLN C 142 30.71 29.64 19.42
N ARG C 143 31.50 30.44 20.12
CA ARG C 143 32.35 31.41 19.45
C ARG C 143 33.39 30.68 18.59
N LYS C 144 34.12 29.72 19.16
CA LYS C 144 35.09 29.01 18.31
C LYS C 144 34.43 28.28 17.11
N ALA C 145 33.27 27.66 17.32
CA ALA C 145 32.56 26.99 16.24
C ALA C 145 32.18 27.98 15.12
N LYS C 146 31.67 29.14 15.51
CA LYS C 146 31.25 30.11 14.53
C LYS C 146 32.40 30.77 13.81
N ILE C 147 33.51 30.93 14.48
CA ILE C 147 34.69 31.51 13.83
C ILE C 147 35.21 30.60 12.73
N ILE C 148 35.28 29.32 13.05
CA ILE C 148 35.77 28.35 12.07
C ILE C 148 34.75 28.28 10.93
N MET C 149 33.47 28.20 11.25
CA MET C 149 32.49 28.15 10.18
C MET C 149 32.45 29.37 9.28
N SER C 150 32.80 30.53 9.82
CA SER C 150 32.82 31.76 9.03
C SER C 150 33.81 31.55 7.89
N TYR C 151 34.95 30.88 8.17
CA TYR C 151 35.87 30.63 7.06
C TYR C 151 35.39 29.56 6.08
N TYR C 152 34.82 28.48 6.61
CA TYR C 152 34.31 27.42 5.74
C TYR C 152 33.27 27.96 4.80
N ASN C 153 32.50 28.92 5.28
CA ASN C 153 31.48 29.49 4.40
C ASN C 153 32.00 30.70 3.59
N GLY C 154 33.30 30.99 3.74
CA GLY C 154 33.92 32.10 3.02
C GLY C 154 34.35 31.72 1.62
N ASP C 155 35.03 32.62 0.92
CA ASP C 155 35.40 32.25 -0.44
C ASP C 155 36.90 32.11 -0.64
N ASP C 156 37.66 32.22 0.44
CA ASP C 156 39.11 32.11 0.33
C ASP C 156 39.50 30.66 0.64
N PRO C 157 39.99 29.92 -0.36
CA PRO C 157 40.36 28.53 -0.14
C PRO C 157 41.50 28.30 0.84
N LEU C 158 42.51 29.17 0.84
CA LEU C 158 43.61 28.94 1.77
C LEU C 158 43.14 29.19 3.21
N LYS C 159 42.22 30.13 3.43
CA LYS C 159 41.82 30.35 4.82
C LYS C 159 41.04 29.17 5.37
N LYS C 160 40.38 28.41 4.51
CA LYS C 160 39.61 27.25 4.97
C LYS C 160 40.53 26.16 5.45
N LYS C 161 41.66 26.02 4.77
CA LYS C 161 42.66 25.03 5.12
C LYS C 161 43.32 25.45 6.42
N VAL C 162 43.53 26.75 6.62
CA VAL C 162 44.15 27.17 7.90
C VAL C 162 43.20 26.85 9.05
N ALA C 163 41.94 27.26 8.87
CA ALA C 163 40.91 27.04 9.88
C ALA C 163 40.81 25.55 10.20
N SER C 164 40.82 24.71 9.16
CA SER C 164 40.70 23.28 9.34
C SER C 164 41.90 22.65 10.07
N THR C 165 43.08 23.14 9.77
CA THR C 165 44.27 22.60 10.41
C THR C 165 44.35 23.05 11.84
N LEU C 166 43.89 24.28 12.14
CA LEU C 166 43.98 24.73 13.52
C LEU C 166 42.92 23.97 14.32
N LEU C 167 41.81 23.64 13.69
CA LEU C 167 40.80 22.85 14.39
C LEU C 167 41.34 21.44 14.70
N GLU C 168 41.87 20.76 13.69
CA GLU C 168 42.39 19.38 13.81
C GLU C 168 43.63 19.22 14.72
N SER C 169 44.53 20.20 14.68
CA SER C 169 45.77 20.07 15.43
C SER C 169 45.83 20.90 16.67
N PHE C 170 44.84 21.77 16.87
CA PHE C 170 44.89 22.58 18.06
C PHE C 170 43.59 22.59 18.85
N LEU C 171 42.49 22.99 18.24
CA LEU C 171 41.21 23.09 18.94
C LEU C 171 40.63 21.84 19.62
N PHE C 172 40.90 20.66 19.08
CA PHE C 172 40.40 19.44 19.71
C PHE C 172 41.22 19.17 21.01
N TYR C 173 42.38 19.81 21.19
CA TYR C 173 43.16 19.40 22.34
C TYR C 173 42.75 19.84 23.74
N SER C 174 42.00 20.94 23.86
CA SER C 174 41.54 21.31 25.20
C SER C 174 40.67 20.15 25.71
N GLY C 175 40.08 19.42 24.76
CA GLY C 175 39.22 18.27 25.07
C GLY C 175 40.00 16.96 25.15
N PHE C 176 40.93 16.69 24.24
CA PHE C 176 41.66 15.41 24.36
C PHE C 176 42.44 15.27 25.68
N TYR C 177 42.81 16.40 26.28
CA TYR C 177 43.51 16.36 27.54
C TYR C 177 42.85 15.45 28.61
N LEU C 178 41.56 15.61 28.81
CA LEU C 178 40.87 14.88 29.88
C LEU C 178 40.96 13.34 29.81
N PRO C 179 40.60 12.76 28.67
CA PRO C 179 40.67 11.30 28.59
C PRO C 179 42.08 10.77 28.70
N MET C 180 43.06 11.53 28.24
CA MET C 180 44.43 11.09 28.33
C MET C 180 44.87 11.19 29.78
N TYR C 181 44.49 12.25 30.50
CA TYR C 181 44.86 12.36 31.90
C TYR C 181 44.14 11.31 32.68
N LEU C 182 42.86 11.14 32.43
CA LEU C 182 42.13 10.12 33.19
C LEU C 182 42.77 8.75 32.96
N SER C 183 43.09 8.44 31.70
CA SER C 183 43.74 7.20 31.30
C SER C 183 44.99 6.99 32.14
N SER C 184 45.85 8.02 32.23
CA SER C 184 47.07 7.91 33.04
C SER C 184 46.74 7.65 34.54
N ARG C 185 45.49 7.79 34.95
CA ARG C 185 45.08 7.52 36.34
C ARG C 185 44.29 6.22 36.34
N ALA C 186 44.29 5.50 35.23
CA ALA C 186 43.57 4.25 35.11
C ALA C 186 42.08 4.43 35.19
N LYS C 187 41.57 5.54 34.67
CA LYS C 187 40.13 5.72 34.70
C LYS C 187 39.70 5.82 33.24
N LEU C 188 38.51 5.30 32.92
CA LEU C 188 38.00 5.35 31.55
C LEU C 188 39.02 4.88 30.50
N THR C 189 39.72 3.80 30.79
CA THR C 189 40.76 3.31 29.87
C THR C 189 40.27 2.83 28.51
N ASN C 190 39.05 2.27 28.44
CA ASN C 190 38.51 1.84 27.16
C ASN C 190 38.09 3.06 26.34
N THR C 191 37.57 4.04 27.02
CA THR C 191 37.25 5.28 26.34
C THR C 191 38.53 5.86 25.72
N ALA C 192 39.62 5.83 26.47
CA ALA C 192 40.89 6.37 25.94
C ALA C 192 41.38 5.68 24.66
N ASP C 193 41.00 4.41 24.48
CA ASP C 193 41.36 3.71 23.25
C ASP C 193 40.60 4.32 22.07
N ILE C 194 39.34 4.66 22.30
CA ILE C 194 38.59 5.30 21.23
C ILE C 194 39.25 6.63 20.89
N ILE C 195 39.60 7.40 21.92
CA ILE C 195 40.25 8.69 21.70
C ILE C 195 41.55 8.55 20.87
N ARG C 196 42.34 7.53 21.20
CA ARG C 196 43.58 7.26 20.47
C ARG C 196 43.31 6.95 19.01
N LEU C 197 42.18 6.29 18.68
CA LEU C 197 41.83 6.05 17.28
C LEU C 197 41.48 7.37 16.60
N ILE C 198 40.77 8.20 17.33
CA ILE C 198 40.39 9.50 16.81
C ILE C 198 41.65 10.32 16.51
N ILE C 199 42.54 10.44 17.50
CA ILE C 199 43.76 11.20 17.31
C ILE C 199 44.58 10.65 16.15
N ARG C 200 44.57 9.32 15.97
CA ARG C 200 45.32 8.68 14.88
C ARG C 200 44.78 9.21 13.56
N ASP C 201 43.49 9.52 13.52
CA ASP C 201 42.91 10.09 12.31
C ASP C 201 43.22 11.60 12.24
N GLU C 202 42.92 12.34 13.31
CA GLU C 202 43.08 13.81 13.28
C GLU C 202 44.50 14.26 12.98
N SER C 203 45.48 13.55 13.53
CA SER C 203 46.86 13.89 13.30
C SER C 203 47.15 13.76 11.81
N VAL C 204 46.58 12.76 11.12
CA VAL C 204 46.80 12.64 9.66
C VAL C 204 46.04 13.74 8.91
N HIS C 205 44.82 14.05 9.36
CA HIS C 205 44.03 15.08 8.69
C HIS C 205 44.80 16.41 8.78
N GLY C 206 45.31 16.74 9.97
CA GLY C 206 46.04 18.01 10.15
C GLY C 206 47.27 18.09 9.29
N TYR C 207 48.00 17.00 9.22
CA TYR C 207 49.19 16.95 8.40
C TYR C 207 48.85 17.20 6.95
N TYR C 208 47.86 16.44 6.49
CA TYR C 208 47.48 16.50 5.12
C TYR C 208 46.93 17.86 4.69
N ILE C 209 45.97 18.38 5.45
CA ILE C 209 45.39 19.65 5.06
C ILE C 209 46.45 20.76 5.15
N GLY C 210 47.29 20.71 6.20
CA GLY C 210 48.38 21.65 6.38
C GLY C 210 49.36 21.55 5.19
N TYR C 211 49.61 20.33 4.73
CA TYR C 211 50.48 20.11 3.56
C TYR C 211 49.87 20.80 2.32
N LYS C 212 48.55 20.62 2.12
CA LYS C 212 47.87 21.26 0.99
C LYS C 212 47.92 22.77 1.11
N TYR C 213 47.82 23.28 2.32
CA TYR C 213 47.88 24.73 2.50
C TYR C 213 49.24 25.21 2.04
N GLN C 214 50.29 24.53 2.49
CA GLN C 214 51.65 24.91 2.13
C GLN C 214 51.88 24.89 0.60
N GLN C 215 51.29 23.89 -0.07
CA GLN C 215 51.41 23.80 -1.54
C GLN C 215 50.69 24.98 -2.16
N GLY C 216 49.56 25.34 -1.59
CA GLY C 216 48.85 26.44 -2.16
C GLY C 216 49.56 27.76 -1.90
N VAL C 217 49.96 27.98 -0.67
CA VAL C 217 50.57 29.27 -0.33
C VAL C 217 51.95 29.54 -1.02
N LYS C 218 52.77 28.49 -1.17
CA LYS C 218 54.07 28.61 -1.83
C LYS C 218 53.95 29.11 -3.25
N LYS C 219 52.76 28.94 -3.81
CA LYS C 219 52.47 29.36 -5.16
C LYS C 219 52.09 30.84 -5.26
N LEU C 220 52.14 31.59 -4.17
CA LEU C 220 51.74 32.97 -4.22
C LEU C 220 52.97 33.88 -4.14
N SER C 221 52.76 35.15 -4.43
CA SER C 221 53.85 36.14 -4.40
C SER C 221 54.30 36.33 -2.96
N GLU C 222 55.49 36.88 -2.78
CA GLU C 222 56.03 37.08 -1.45
C GLU C 222 55.09 37.83 -0.54
N ALA C 223 54.55 38.93 -1.07
CA ALA C 223 53.66 39.78 -0.30
C ALA C 223 52.44 38.99 0.17
N GLU C 224 51.85 38.20 -0.73
CA GLU C 224 50.65 37.44 -0.38
C GLU C 224 51.02 36.40 0.67
N GLN C 225 52.19 35.76 0.52
CA GLN C 225 52.57 34.74 1.49
C GLN C 225 52.72 35.34 2.88
N GLU C 226 53.19 36.60 2.94
CA GLU C 226 53.34 37.28 4.24
C GLU C 226 51.97 37.58 4.89
N GLU C 227 51.01 37.96 4.08
CA GLU C 227 49.65 38.26 4.52
C GLU C 227 49.00 36.97 5.05
N TYR C 228 49.27 35.83 4.41
CA TYR C 228 48.69 34.56 4.87
C TYR C 228 49.33 34.08 6.17
N LYS C 229 50.63 34.33 6.32
CA LYS C 229 51.27 34.00 7.56
C LYS C 229 50.67 34.91 8.70
N ALA C 230 50.48 36.20 8.43
CA ALA C 230 49.93 37.13 9.44
C ALA C 230 48.48 36.75 9.79
N TYR C 231 47.71 36.39 8.78
CA TYR C 231 46.35 35.94 9.00
C TYR C 231 46.37 34.69 9.90
N THR C 232 47.30 33.77 9.63
CA THR C 232 47.36 32.54 10.38
C THR C 232 47.67 32.79 11.85
N PHE C 233 48.67 33.60 12.10
CA PHE C 233 48.99 33.92 13.45
C PHE C 233 47.91 34.71 14.15
N ASP C 234 47.25 35.62 13.44
CA ASP C 234 46.18 36.40 14.09
C ASP C 234 45.06 35.45 14.46
N LEU C 235 44.76 34.49 13.60
CA LEU C 235 43.67 33.56 13.92
C LEU C 235 44.06 32.68 15.14
N MET C 236 45.29 32.27 15.15
CA MET C 236 45.79 31.47 16.26
C MET C 236 45.71 32.33 17.55
N TYR C 237 46.12 33.59 17.50
CA TYR C 237 45.99 34.42 18.69
C TYR C 237 44.54 34.49 19.17
N ASP C 238 43.58 34.74 18.27
CA ASP C 238 42.17 34.82 18.67
C ASP C 238 41.64 33.49 19.23
N LEU C 239 41.96 32.38 18.55
CA LEU C 239 41.49 31.07 18.98
C LEU C 239 42.08 30.67 20.32
N TYR C 240 43.38 30.94 20.49
CA TYR C 240 44.05 30.64 21.75
C TYR C 240 43.38 31.40 22.88
N GLU C 241 43.14 32.68 22.67
CA GLU C 241 42.55 33.49 23.73
C GLU C 241 41.16 32.98 24.11
N ASN C 242 40.37 32.63 23.11
CA ASN C 242 39.04 32.11 23.36
C ASN C 242 39.12 30.72 24.00
N GLU C 243 40.10 29.93 23.58
CA GLU C 243 40.27 28.59 24.10
C GLU C 243 40.62 28.66 25.59
N ILE C 244 41.39 29.68 26.00
CA ILE C 244 41.72 29.80 27.39
C ILE C 244 40.46 29.93 28.24
N GLU C 245 39.53 30.73 27.74
CA GLU C 245 38.29 30.98 28.44
C GLU C 245 37.47 29.69 28.45
N TYR C 246 37.48 28.97 27.34
CA TYR C 246 36.72 27.74 27.29
C TYR C 246 37.31 26.73 28.26
N THR C 247 38.63 26.74 28.40
CA THR C 247 39.36 25.81 29.25
C THR C 247 39.02 26.11 30.70
N GLU C 248 38.96 27.38 31.07
CA GLU C 248 38.56 27.72 32.43
C GLU C 248 37.15 27.22 32.75
N ASP C 249 36.20 27.41 31.83
CA ASP C 249 34.85 26.97 32.06
C ASP C 249 34.79 25.48 32.32
N ILE C 250 35.57 24.73 31.55
CA ILE C 250 35.59 23.28 31.74
C ILE C 250 36.44 22.78 32.92
N TYR C 251 37.62 23.35 33.12
CA TYR C 251 38.53 22.79 34.11
C TYR C 251 38.79 23.47 35.42
N ASP C 252 38.20 24.63 35.61
CA ASP C 252 38.45 25.37 36.83
C ASP C 252 38.02 24.69 38.11
N ASP C 253 36.86 24.05 38.11
CA ASP C 253 36.42 23.36 39.33
C ASP C 253 37.34 22.22 39.68
N LEU C 254 37.89 21.58 38.67
CA LEU C 254 38.81 20.47 38.85
C LEU C 254 40.20 20.95 39.25
N GLY C 255 40.49 22.20 38.90
CA GLY C 255 41.79 22.76 39.18
C GLY C 255 42.86 22.35 38.19
N TRP C 256 42.50 21.80 37.02
CA TRP C 256 43.53 21.38 36.06
C TRP C 256 43.82 22.45 34.99
N THR C 257 43.19 23.62 35.10
CA THR C 257 43.36 24.64 34.05
C THR C 257 44.79 24.98 33.63
N GLU C 258 45.67 25.19 34.59
CA GLU C 258 47.05 25.55 34.21
C GLU C 258 47.76 24.48 33.36
N ASP C 259 47.55 23.22 33.71
CA ASP C 259 48.14 22.12 32.93
C ASP C 259 47.55 22.01 31.55
N VAL C 260 46.24 22.22 31.44
CA VAL C 260 45.63 22.12 30.14
C VAL C 260 46.17 23.31 29.28
N LYS C 261 46.31 24.49 29.89
CA LYS C 261 46.82 25.63 29.14
C LYS C 261 48.22 25.35 28.57
N ARG C 262 49.06 24.62 29.32
CA ARG C 262 50.38 24.25 28.82
C ARG C 262 50.22 23.32 27.62
N PHE C 263 49.25 22.40 27.74
CA PHE C 263 48.97 21.43 26.67
C PHE C 263 48.47 22.19 25.43
N LEU C 264 47.69 23.24 25.65
CA LEU C 264 47.19 24.05 24.52
C LEU C 264 48.38 24.67 23.77
N ARG C 265 49.33 25.21 24.51
CA ARG C 265 50.50 25.83 23.90
C ARG C 265 51.33 24.82 23.10
N TYR C 266 51.47 23.66 23.72
CA TYR C 266 52.22 22.56 23.10
C TYR C 266 51.59 22.21 21.76
N ASN C 267 50.26 22.08 21.71
CA ASN C 267 49.62 21.74 20.45
C ASN C 267 49.52 22.90 19.45
N ALA C 268 49.45 24.11 19.98
CA ALA C 268 49.46 25.28 19.11
C ALA C 268 50.73 25.24 18.29
N ASN C 269 51.87 24.92 18.90
CA ASN C 269 53.10 24.87 18.13
C ASN C 269 53.04 23.80 17.03
N LYS C 270 52.47 22.66 17.36
CA LYS C 270 52.38 21.59 16.33
C LYS C 270 51.46 21.97 15.20
N ALA C 271 50.35 22.65 15.52
CA ALA C 271 49.42 23.04 14.45
C ALA C 271 50.11 24.05 13.49
N LEU C 272 50.88 24.98 14.04
CA LEU C 272 51.59 25.97 13.16
C LEU C 272 52.65 25.25 12.32
N ASN C 273 53.35 24.30 12.91
CA ASN C 273 54.32 23.52 12.16
C ASN C 273 53.62 22.86 10.99
N ASN C 274 52.45 22.26 11.25
CA ASN C 274 51.66 21.64 10.21
C ASN C 274 51.35 22.55 9.03
N LEU C 275 51.26 23.86 9.27
CA LEU C 275 51.01 24.84 8.21
C LEU C 275 52.33 25.37 7.63
N GLY C 276 53.43 24.83 8.11
CA GLY C 276 54.71 25.26 7.55
C GLY C 276 55.37 26.40 8.29
N TYR C 277 54.89 26.75 9.47
CA TYR C 277 55.44 27.85 10.24
C TYR C 277 56.10 27.43 11.51
N GLU C 278 56.95 28.30 12.03
CA GLU C 278 57.60 27.99 13.28
C GLU C 278 56.59 28.16 14.44
N GLY C 279 56.85 27.47 15.54
CA GLY C 279 56.00 27.54 16.73
C GLY C 279 55.89 28.92 17.33
N LEU C 280 54.88 29.10 18.16
CA LEU C 280 54.63 30.38 18.79
C LEU C 280 55.16 30.48 20.22
N PHE C 281 54.99 29.40 20.98
CA PHE C 281 55.40 29.42 22.36
C PHE C 281 56.73 28.70 22.59
N PRO C 282 57.59 29.26 23.46
CA PRO C 282 58.88 28.61 23.72
C PRO C 282 58.64 27.31 24.45
N THR C 283 59.59 26.39 24.31
CA THR C 283 59.51 25.08 24.93
C THR C 283 59.23 25.08 26.42
N ASP C 284 59.80 26.03 27.13
CA ASP C 284 59.55 26.00 28.56
C ASP C 284 58.14 26.41 28.99
N GLU C 285 57.30 26.82 28.04
CA GLU C 285 55.91 27.17 28.40
C GLU C 285 55.01 26.04 27.91
N THR C 286 55.62 24.99 27.38
CA THR C 286 54.81 23.89 26.87
C THR C 286 55.05 22.58 27.59
N LYS C 287 55.36 22.62 28.89
CA LYS C 287 55.61 21.40 29.64
C LYS C 287 54.34 20.58 29.81
N VAL C 288 54.39 19.34 29.39
CA VAL C 288 53.20 18.53 29.52
C VAL C 288 53.68 17.30 30.29
N SER C 289 52.86 16.83 31.21
CA SER C 289 53.19 15.66 31.99
C SER C 289 53.61 14.53 31.07
N PRO C 290 54.71 13.82 31.42
CA PRO C 290 55.15 12.73 30.56
C PRO C 290 54.14 11.57 30.56
N ALA C 291 53.25 11.51 31.55
CA ALA C 291 52.26 10.43 31.60
C ALA C 291 51.17 10.72 30.57
N ILE C 292 50.88 12.01 30.32
CA ILE C 292 49.92 12.35 29.31
C ILE C 292 50.56 12.18 27.94
N LEU C 293 51.80 12.62 27.79
CA LEU C 293 52.46 12.48 26.50
C LEU C 293 52.60 11.01 26.08
N SER C 294 52.84 10.10 27.01
CA SER C 294 52.97 8.70 26.61
C SER C 294 51.57 8.06 26.41
N SER C 295 50.59 8.58 27.14
CA SER C 295 49.23 8.08 27.06
C SER C 295 48.74 8.38 25.63
N LEU C 296 49.35 9.39 25.04
CA LEU C 296 48.99 9.84 23.71
C LEU C 296 49.66 8.97 22.67
N SER C 297 50.98 8.83 22.76
CA SER C 297 51.77 8.06 21.81
C SER C 297 51.59 8.66 20.40
N ASP C 324 36.36 37.97 29.59
CA ASP C 324 36.26 38.79 30.82
C ASP C 324 37.32 39.84 30.77
N ASP C 325 37.79 40.23 31.95
CA ASP C 325 38.77 41.29 32.04
C ASP C 325 40.01 40.98 32.84
N ASP C 326 40.25 39.71 33.15
CA ASP C 326 41.42 39.40 33.92
C ASP C 326 42.62 39.20 33.01
N TRP C 327 43.70 38.69 33.59
CA TRP C 327 44.96 38.42 32.91
C TRP C 327 45.21 36.91 32.87
N ASP C 328 45.08 36.30 31.69
CA ASP C 328 45.23 34.86 31.53
C ASP C 328 46.55 34.37 30.96
N PHE C 329 47.43 35.30 30.65
CA PHE C 329 48.74 34.96 30.11
C PHE C 329 49.79 34.99 31.21
N SER D 2 37.31 45.71 13.04
CA SER D 2 36.46 44.52 13.32
C SER D 2 37.02 43.26 12.68
N ASN D 3 36.99 42.16 13.43
CA ASN D 3 37.50 40.87 12.94
C ASN D 3 36.76 40.38 11.70
N GLU D 4 37.48 39.66 10.84
CA GLU D 4 36.92 39.14 9.60
C GLU D 4 35.63 38.32 9.75
N TYR D 5 35.51 37.63 10.88
CA TYR D 5 34.37 36.76 11.14
C TYR D 5 33.15 37.40 11.80
N ASP D 6 33.28 38.65 12.22
CA ASP D 6 32.19 39.36 12.88
C ASP D 6 30.88 39.46 12.08
N GLU D 7 30.96 39.82 10.81
CA GLU D 7 29.75 39.92 10.01
C GLU D 7 29.02 38.57 10.02
N TYR D 8 29.79 37.48 9.90
CA TYR D 8 29.21 36.12 9.89
C TYR D 8 28.59 35.73 11.23
N ILE D 9 29.37 35.83 12.31
CA ILE D 9 28.87 35.47 13.64
C ILE D 9 27.57 36.22 13.88
N ALA D 10 27.49 37.39 13.26
CA ALA D 10 26.34 38.27 13.36
C ALA D 10 25.11 37.66 12.68
N ASN D 11 25.26 37.29 11.41
CA ASN D 11 24.17 36.72 10.63
C ASN D 11 23.83 35.29 11.00
N HIS D 12 24.48 34.78 12.04
CA HIS D 12 24.23 33.41 12.48
C HIS D 12 24.20 33.38 14.01
N THR D 13 23.03 33.74 14.53
CA THR D 13 22.79 33.83 15.97
C THR D 13 22.25 32.52 16.57
N ASP D 14 21.72 31.62 15.76
CA ASP D 14 21.24 30.35 16.31
C ASP D 14 22.47 29.52 16.74
N PRO D 15 22.32 28.65 17.75
CA PRO D 15 23.51 27.89 18.13
C PRO D 15 23.86 26.77 17.14
N VAL D 16 25.12 26.39 17.12
CA VAL D 16 25.56 25.30 16.26
C VAL D 16 25.28 24.08 17.15
N LYS D 17 24.64 23.07 16.58
CA LYS D 17 24.31 21.90 17.39
C LYS D 17 25.22 20.70 17.11
N ALA D 18 25.48 19.93 18.15
CA ALA D 18 26.33 18.76 18.02
C ALA D 18 25.40 17.55 17.81
N ILE D 19 25.82 16.59 17.00
CA ILE D 19 24.94 15.47 16.79
C ILE D 19 24.78 14.59 18.04
N ASN D 20 23.55 14.14 18.29
CA ASN D 20 23.28 13.32 19.48
C ASN D 20 22.72 11.99 18.99
N TRP D 21 23.50 10.92 19.09
CA TRP D 21 23.00 9.65 18.61
C TRP D 21 22.17 8.90 19.66
N ASN D 22 21.97 9.50 20.84
CA ASN D 22 21.20 8.90 21.95
C ASN D 22 19.70 9.04 21.68
N VAL D 23 19.34 9.94 20.77
CA VAL D 23 17.97 10.17 20.41
C VAL D 23 17.91 10.24 18.89
N ILE D 24 17.20 9.27 18.31
CA ILE D 24 17.06 9.16 16.87
C ILE D 24 15.61 9.43 16.45
N PRO D 25 15.30 10.66 15.99
CA PRO D 25 13.95 11.05 15.56
C PRO D 25 13.47 10.31 14.33
N ASP D 26 14.38 9.75 13.52
CA ASP D 26 13.93 8.99 12.33
C ASP D 26 14.73 7.69 12.34
N GLU D 27 14.08 6.61 12.78
CA GLU D 27 14.70 5.29 12.87
C GLU D 27 15.47 4.91 11.61
N LYS D 28 14.95 5.31 10.46
CA LYS D 28 15.61 4.98 9.20
C LYS D 28 17.04 5.52 9.11
N ASP D 29 17.32 6.67 9.73
CA ASP D 29 18.71 7.16 9.65
C ASP D 29 19.68 6.17 10.29
N LEU D 30 19.32 5.61 11.43
CA LEU D 30 20.20 4.70 12.12
C LEU D 30 20.32 3.35 11.42
N GLU D 31 19.21 2.86 10.90
CA GLU D 31 19.22 1.56 10.19
C GLU D 31 20.12 1.68 8.95
N VAL D 32 20.02 2.82 8.24
CA VAL D 32 20.83 3.02 7.06
C VAL D 32 22.29 3.27 7.41
N TRP D 33 22.57 4.08 8.44
CA TRP D 33 23.94 4.26 8.90
C TRP D 33 24.53 2.88 9.25
N ASP D 34 23.80 2.09 10.03
CA ASP D 34 24.31 0.77 10.42
C ASP D 34 24.51 -0.15 9.23
N ARG D 35 23.58 -0.12 8.31
CA ARG D 35 23.69 -0.94 7.15
C ARG D 35 24.86 -0.54 6.25
N LEU D 36 25.01 0.75 5.98
CA LEU D 36 26.11 1.22 5.12
C LEU D 36 27.49 1.05 5.73
N THR D 37 27.63 1.40 6.99
CA THR D 37 28.94 1.24 7.62
C THR D 37 29.20 -0.25 7.88
N GLY D 38 28.16 -1.02 8.12
CA GLY D 38 28.37 -2.47 8.33
C GLY D 38 28.87 -3.09 7.02
N ASN D 39 28.49 -2.50 5.88
CA ASN D 39 28.89 -2.96 4.54
C ASN D 39 30.19 -2.35 3.99
N PHE D 40 30.96 -1.68 4.85
CA PHE D 40 32.20 -1.05 4.38
C PHE D 40 33.07 -2.09 3.66
N TRP D 41 33.73 -1.68 2.59
CA TRP D 41 34.62 -2.57 1.83
C TRP D 41 35.58 -1.71 1.01
N LEU D 42 36.69 -2.30 0.54
CA LEU D 42 37.68 -1.60 -0.31
C LEU D 42 37.97 -2.57 -1.43
N PRO D 43 38.15 -2.07 -2.66
CA PRO D 43 38.41 -2.92 -3.82
C PRO D 43 39.61 -3.82 -3.74
N GLU D 44 40.57 -3.43 -2.89
CA GLU D 44 41.75 -4.23 -2.73
C GLU D 44 41.38 -5.57 -2.10
N LYS D 45 40.21 -5.65 -1.47
CA LYS D 45 39.86 -6.91 -0.83
C LYS D 45 39.36 -7.99 -1.80
N ILE D 46 39.23 -7.64 -3.08
CA ILE D 46 38.73 -8.60 -4.07
C ILE D 46 39.85 -8.94 -5.04
N PRO D 47 40.05 -10.24 -5.32
CA PRO D 47 41.08 -10.74 -6.24
C PRO D 47 40.79 -10.54 -7.74
N VAL D 48 40.80 -9.31 -8.21
CA VAL D 48 40.51 -9.07 -9.62
C VAL D 48 41.49 -9.68 -10.64
N SER D 49 42.72 -9.92 -10.24
CA SER D 49 43.65 -10.50 -11.23
C SER D 49 43.24 -11.93 -11.63
N ASN D 50 42.37 -12.56 -10.86
CA ASN D 50 41.84 -13.87 -11.26
C ASN D 50 40.99 -13.71 -12.54
N ASP D 51 40.68 -12.48 -12.96
CA ASP D 51 39.91 -12.23 -14.19
C ASP D 51 40.76 -12.00 -15.43
N ILE D 52 42.06 -11.84 -15.27
CA ILE D 52 42.91 -11.60 -16.45
C ILE D 52 42.74 -12.64 -17.57
N GLN D 53 42.63 -13.91 -17.21
CA GLN D 53 42.46 -14.93 -18.24
C GLN D 53 41.16 -14.76 -19.02
N SER D 54 40.04 -14.55 -18.33
CA SER D 54 38.82 -14.40 -19.10
C SER D 54 38.85 -13.10 -19.87
N TRP D 55 39.48 -12.07 -19.32
CA TRP D 55 39.56 -10.79 -20.04
C TRP D 55 40.30 -11.00 -21.36
N ASN D 56 41.41 -11.74 -21.27
CA ASN D 56 42.22 -12.01 -22.47
C ASN D 56 41.43 -12.80 -23.53
N LYS D 57 40.43 -13.58 -23.11
CA LYS D 57 39.58 -14.37 -24.00
C LYS D 57 38.37 -13.58 -24.55
N MET D 58 38.14 -12.37 -24.06
CA MET D 58 37.01 -11.59 -24.56
C MET D 58 37.36 -10.96 -25.88
N THR D 59 36.36 -10.78 -26.75
CA THR D 59 36.63 -10.18 -28.06
C THR D 59 36.99 -8.72 -27.90
N PRO D 60 37.51 -8.10 -28.96
CA PRO D 60 37.87 -6.68 -28.85
C PRO D 60 36.64 -5.82 -28.60
N GLN D 61 35.51 -6.21 -29.17
CA GLN D 61 34.28 -5.46 -28.99
C GLN D 61 33.77 -5.53 -27.55
N GLU D 62 33.92 -6.69 -26.91
CA GLU D 62 33.49 -6.88 -25.53
C GLU D 62 34.40 -6.09 -24.60
N GLN D 63 35.70 -6.04 -24.96
CA GLN D 63 36.67 -5.30 -24.14
C GLN D 63 36.38 -3.81 -24.27
N LEU D 64 36.14 -3.34 -25.48
CA LEU D 64 35.81 -1.94 -25.71
C LEU D 64 34.57 -1.49 -24.88
N ALA D 65 33.47 -2.23 -25.01
CA ALA D 65 32.27 -1.92 -24.26
C ALA D 65 32.54 -1.93 -22.74
N THR D 66 33.35 -2.87 -22.25
CA THR D 66 33.64 -2.90 -20.81
C THR D 66 34.34 -1.62 -20.35
N MET D 67 35.38 -1.24 -21.08
CA MET D 67 36.13 -0.04 -20.77
C MET D 67 35.21 1.19 -20.76
N ARG D 68 34.34 1.27 -21.76
CA ARG D 68 33.46 2.42 -21.88
C ARG D 68 32.41 2.49 -20.79
N VAL D 69 31.82 1.35 -20.51
CA VAL D 69 30.84 1.25 -19.45
C VAL D 69 31.45 1.60 -18.10
N PHE D 70 32.65 1.10 -17.81
CA PHE D 70 33.22 1.37 -16.50
C PHE D 70 33.63 2.81 -16.37
N THR D 71 34.07 3.40 -17.46
CA THR D 71 34.46 4.81 -17.38
C THR D 71 33.20 5.65 -17.14
N GLY D 72 32.10 5.28 -17.78
CA GLY D 72 30.84 5.98 -17.58
C GLY D 72 30.38 5.83 -16.14
N LEU D 73 30.53 4.63 -15.54
CA LEU D 73 30.17 4.42 -14.14
C LEU D 73 31.10 5.23 -13.22
N THR D 74 32.40 5.25 -13.53
CA THR D 74 33.35 6.05 -12.76
C THR D 74 32.91 7.54 -12.75
N LEU D 75 32.46 8.06 -13.89
CA LEU D 75 32.00 9.46 -13.98
C LEU D 75 30.81 9.70 -13.08
N LEU D 76 29.81 8.82 -13.14
CA LEU D 76 28.68 9.01 -12.27
C LEU D 76 29.09 8.96 -10.80
N ASP D 77 29.94 8.00 -10.40
CA ASP D 77 30.37 7.92 -9.01
C ASP D 77 31.18 9.16 -8.58
N THR D 78 32.00 9.70 -9.48
CA THR D 78 32.81 10.93 -9.15
C THR D 78 31.83 12.08 -8.84
N ILE D 79 30.80 12.23 -9.69
CA ILE D 79 29.77 13.27 -9.52
C ILE D 79 29.00 13.12 -8.19
N GLN D 80 28.55 11.90 -7.92
CA GLN D 80 27.77 11.61 -6.73
C GLN D 80 28.59 11.80 -5.47
N GLY D 81 29.86 11.42 -5.52
CA GLY D 81 30.70 11.56 -4.35
C GLY D 81 31.22 12.97 -4.13
N THR D 82 31.51 13.72 -5.19
CA THR D 82 32.07 15.04 -4.97
C THR D 82 31.12 16.21 -5.04
N VAL D 83 29.94 15.99 -5.61
CA VAL D 83 28.96 17.05 -5.75
C VAL D 83 27.59 16.65 -5.20
N GLY D 84 27.10 15.48 -5.62
CA GLY D 84 25.80 14.99 -5.21
C GLY D 84 25.49 14.81 -3.74
N ALA D 85 26.05 13.79 -3.09
CA ALA D 85 25.72 13.53 -1.67
C ALA D 85 25.97 14.81 -0.91
N ILE D 86 27.08 15.42 -1.23
CA ILE D 86 27.44 16.66 -0.59
C ILE D 86 26.41 17.79 -0.83
N SER D 87 25.75 17.83 -1.99
CA SER D 87 24.74 18.88 -2.21
C SER D 87 23.47 18.62 -1.36
N LEU D 88 23.32 17.39 -0.88
CA LEU D 88 22.14 17.06 -0.04
C LEU D 88 22.24 17.49 1.42
N LEU D 89 23.46 17.70 1.89
CA LEU D 89 23.69 18.05 3.27
C LEU D 89 22.92 19.24 3.86
N PRO D 90 22.85 20.37 3.14
CA PRO D 90 22.13 21.51 3.70
C PRO D 90 20.65 21.32 3.94
N ASP D 91 20.06 20.35 3.25
CA ASP D 91 18.62 20.16 3.31
C ASP D 91 18.16 18.99 4.18
N ALA D 92 19.08 18.46 4.97
CA ALA D 92 18.80 17.31 5.80
C ALA D 92 17.79 17.63 6.89
N GLU D 93 16.87 16.70 7.17
CA GLU D 93 15.87 16.90 8.20
C GLU D 93 16.47 16.64 9.57
N THR D 94 17.51 15.81 9.64
CA THR D 94 18.14 15.48 10.91
C THR D 94 19.63 15.46 10.72
N MET D 95 20.37 15.59 11.82
CA MET D 95 21.82 15.55 11.71
C MET D 95 22.27 14.12 11.44
N HIS D 96 21.49 13.13 11.83
CA HIS D 96 21.92 11.74 11.55
C HIS D 96 21.91 11.53 10.05
N GLU D 97 20.98 12.19 9.37
CA GLU D 97 20.89 12.09 7.92
C GLU D 97 22.13 12.75 7.31
N GLU D 98 22.63 13.84 7.91
CA GLU D 98 23.82 14.49 7.37
C GLU D 98 25.01 13.51 7.49
N ALA D 99 25.08 12.77 8.60
CA ALA D 99 26.16 11.79 8.84
C ALA D 99 26.05 10.67 7.78
N VAL D 100 24.84 10.22 7.49
CA VAL D 100 24.65 9.19 6.44
C VAL D 100 25.20 9.73 5.10
N TYR D 101 24.89 10.98 4.76
CA TYR D 101 25.43 11.52 3.50
C TYR D 101 26.98 11.57 3.43
N THR D 102 27.68 11.83 4.54
CA THR D 102 29.14 11.82 4.50
C THR D 102 29.60 10.38 4.23
N ASN D 103 28.90 9.38 4.78
CA ASN D 103 29.27 7.99 4.45
C ASN D 103 29.01 7.72 2.94
N ILE D 104 27.89 8.20 2.41
CA ILE D 104 27.60 8.01 1.00
C ILE D 104 28.69 8.66 0.15
N ALA D 105 29.02 9.93 0.45
CA ALA D 105 30.08 10.63 -0.30
C ALA D 105 31.39 9.80 -0.31
N PHE D 106 31.81 9.34 0.87
CA PHE D 106 33.02 8.52 0.93
C PHE D 106 32.90 7.20 0.12
N MET D 107 31.77 6.53 0.23
CA MET D 107 31.69 5.25 -0.46
C MET D 107 31.64 5.44 -1.97
N GLU D 108 31.15 6.61 -2.43
CA GLU D 108 31.11 6.90 -3.86
C GLU D 108 32.60 7.04 -4.33
N SER D 109 33.49 7.59 -3.50
CA SER D 109 34.92 7.68 -3.87
C SER D 109 35.50 6.23 -3.90
N VAL D 110 35.02 5.36 -3.01
CA VAL D 110 35.47 3.94 -3.01
C VAL D 110 35.01 3.27 -4.30
N HIS D 111 33.76 3.52 -4.71
CA HIS D 111 33.22 2.96 -5.96
C HIS D 111 34.03 3.40 -7.19
N ALA D 112 34.24 4.71 -7.28
CA ALA D 112 35.00 5.28 -8.40
C ALA D 112 36.42 4.70 -8.40
N LYS D 113 37.04 4.64 -7.23
CA LYS D 113 38.39 4.07 -7.20
C LYS D 113 38.38 2.57 -7.67
N SER D 114 37.34 1.84 -7.32
CA SER D 114 37.24 0.39 -7.67
C SER D 114 37.32 0.15 -9.16
N TYR D 115 36.73 1.06 -9.93
CA TYR D 115 36.81 0.91 -11.36
C TYR D 115 38.26 1.02 -11.80
N SER D 116 39.01 1.93 -11.18
CA SER D 116 40.43 2.09 -11.54
C SER D 116 41.23 0.82 -11.12
N ASN D 117 40.89 0.22 -9.98
CA ASN D 117 41.58 -1.00 -9.58
C ASN D 117 41.34 -2.06 -10.68
N ILE D 118 40.12 -2.15 -11.20
CA ILE D 118 39.83 -3.11 -12.27
C ILE D 118 40.67 -2.81 -13.53
N PHE D 119 40.60 -1.57 -14.02
CA PHE D 119 41.40 -1.16 -15.17
C PHE D 119 42.89 -1.42 -15.01
N MET D 120 43.40 -1.05 -13.86
CA MET D 120 44.83 -1.17 -13.63
C MET D 120 45.29 -2.61 -13.58
N THR D 121 44.34 -3.49 -13.36
CA THR D 121 44.67 -4.90 -13.33
C THR D 121 44.51 -5.56 -14.69
N LEU D 122 43.47 -5.16 -15.43
CA LEU D 122 43.12 -5.78 -16.71
C LEU D 122 43.53 -5.13 -18.01
N ALA D 123 43.43 -3.82 -18.07
CA ALA D 123 43.67 -3.14 -19.32
C ALA D 123 45.04 -2.54 -19.43
N SER D 124 45.37 -2.10 -20.63
CA SER D 124 46.65 -1.46 -20.87
C SER D 124 46.43 0.04 -20.70
N THR D 125 47.50 0.78 -20.46
CA THR D 125 47.36 2.22 -20.28
C THR D 125 46.70 2.91 -21.49
N PRO D 126 47.00 2.46 -22.72
CA PRO D 126 46.41 3.06 -23.93
C PRO D 126 44.91 2.85 -23.92
N GLN D 127 44.49 1.65 -23.53
CA GLN D 127 43.05 1.34 -23.47
C GLN D 127 42.39 2.27 -22.42
N ILE D 128 43.03 2.38 -21.25
CA ILE D 128 42.53 3.24 -20.18
C ILE D 128 42.43 4.69 -20.66
N ASN D 129 43.49 5.20 -21.29
CA ASN D 129 43.41 6.59 -21.76
C ASN D 129 42.30 6.75 -22.82
N GLU D 130 42.21 5.79 -23.73
CA GLU D 130 41.21 5.89 -24.77
C GLU D 130 39.79 5.88 -24.15
N ALA D 131 39.61 5.11 -23.06
CA ALA D 131 38.31 5.06 -22.36
C ALA D 131 37.97 6.40 -21.69
N PHE D 132 38.89 6.96 -20.90
CA PHE D 132 38.55 8.23 -20.30
C PHE D 132 38.30 9.29 -21.36
N ARG D 133 39.09 9.24 -22.43
CA ARG D 133 38.95 10.23 -23.51
C ARG D 133 37.55 10.12 -24.10
N TRP D 134 37.14 8.88 -24.35
CA TRP D 134 35.84 8.60 -24.91
C TRP D 134 34.74 9.15 -24.01
N SER D 135 34.95 9.10 -22.69
CA SER D 135 33.91 9.55 -21.75
C SER D 135 33.73 11.07 -21.72
N GLU D 136 34.79 11.83 -22.00
CA GLU D 136 34.66 13.29 -22.03
C GLU D 136 34.10 13.78 -23.36
N GLU D 137 34.03 12.88 -24.34
CA GLU D 137 33.55 13.21 -25.68
C GLU D 137 32.20 12.61 -26.04
N ASN D 138 31.73 11.66 -25.25
CA ASN D 138 30.46 11.05 -25.56
C ASN D 138 29.35 12.01 -25.16
N GLU D 139 28.54 12.37 -26.14
CA GLU D 139 27.47 13.31 -25.99
C GLU D 139 26.38 12.93 -24.98
N ASN D 140 25.93 11.69 -25.04
CA ASN D 140 24.90 11.25 -24.15
C ASN D 140 25.41 11.17 -22.71
N LEU D 141 26.61 10.62 -22.54
CA LEU D 141 27.18 10.49 -21.20
C LEU D 141 27.34 11.87 -20.61
N GLN D 142 27.92 12.79 -21.37
CA GLN D 142 28.11 14.14 -20.85
C GLN D 142 26.79 14.81 -20.62
N ARG D 143 25.80 14.48 -21.45
CA ARG D 143 24.51 15.11 -21.26
C ARG D 143 23.88 14.66 -19.96
N LYS D 144 23.86 13.37 -19.67
CA LYS D 144 23.25 13.01 -18.40
C LYS D 144 24.03 13.54 -17.22
N ALA D 145 25.35 13.66 -17.35
CA ALA D 145 26.13 14.19 -16.24
C ALA D 145 25.77 15.67 -16.02
N LYS D 146 25.62 16.41 -17.10
CA LYS D 146 25.28 17.82 -16.95
C LYS D 146 23.83 18.06 -16.52
N ILE D 147 22.93 17.15 -16.84
CA ILE D 147 21.55 17.34 -16.42
C ILE D 147 21.49 17.16 -14.89
N ILE D 148 22.14 16.11 -14.40
CA ILE D 148 22.11 15.83 -12.98
C ILE D 148 22.84 16.97 -12.24
N MET D 149 23.96 17.39 -12.78
CA MET D 149 24.70 18.47 -12.15
C MET D 149 23.92 19.77 -12.08
N SER D 150 23.12 20.07 -13.11
CA SER D 150 22.36 21.31 -13.09
C SER D 150 21.45 21.32 -11.84
N TYR D 151 20.91 20.16 -11.44
CA TYR D 151 20.10 20.14 -10.24
C TYR D 151 20.91 20.26 -8.97
N TYR D 152 22.05 19.58 -8.92
CA TYR D 152 22.88 19.68 -7.72
C TYR D 152 23.34 21.11 -7.48
N ASN D 153 23.56 21.83 -8.57
CA ASN D 153 24.01 23.20 -8.44
C ASN D 153 22.88 24.21 -8.41
N GLY D 154 21.64 23.75 -8.33
CA GLY D 154 20.50 24.66 -8.30
C GLY D 154 20.02 24.92 -6.88
N ASP D 155 18.88 25.57 -6.71
CA ASP D 155 18.49 25.80 -5.32
C ASP D 155 17.26 25.08 -4.82
N ASP D 156 16.73 24.16 -5.61
CA ASP D 156 15.57 23.40 -5.16
C ASP D 156 16.04 22.09 -4.54
N PRO D 157 16.01 21.96 -3.21
CA PRO D 157 16.46 20.75 -2.53
C PRO D 157 15.69 19.48 -2.88
N LEU D 158 14.39 19.60 -3.16
CA LEU D 158 13.61 18.41 -3.56
C LEU D 158 14.08 17.84 -4.89
N LYS D 159 14.37 18.72 -5.84
CA LYS D 159 14.82 18.31 -7.15
C LYS D 159 16.20 17.65 -7.04
N LYS D 160 17.02 18.10 -6.08
CA LYS D 160 18.33 17.45 -5.93
C LYS D 160 18.12 16.00 -5.52
N LYS D 161 17.14 15.77 -4.65
CA LYS D 161 16.86 14.41 -4.19
C LYS D 161 16.28 13.60 -5.32
N VAL D 162 15.47 14.22 -6.18
CA VAL D 162 14.98 13.44 -7.29
C VAL D 162 16.12 13.08 -8.22
N ALA D 163 16.92 14.06 -8.64
CA ALA D 163 18.07 13.80 -9.51
C ALA D 163 19.00 12.71 -8.93
N SER D 164 19.29 12.80 -7.64
CA SER D 164 20.18 11.87 -6.97
C SER D 164 19.61 10.45 -6.92
N THR D 165 18.29 10.33 -6.70
CA THR D 165 17.67 9.02 -6.68
C THR D 165 17.63 8.45 -8.07
N LEU D 166 17.42 9.27 -9.08
CA LEU D 166 17.38 8.70 -10.41
C LEU D 166 18.79 8.27 -10.81
N LEU D 167 19.79 8.95 -10.28
CA LEU D 167 21.17 8.57 -10.60
C LEU D 167 21.47 7.25 -9.90
N GLU D 168 21.12 7.14 -8.60
CA GLU D 168 21.42 5.95 -7.83
C GLU D 168 20.66 4.68 -8.27
N SER D 169 19.40 4.87 -8.65
CA SER D 169 18.53 3.73 -8.98
C SER D 169 18.23 3.45 -10.44
N PHE D 170 18.70 4.33 -11.30
CA PHE D 170 18.48 4.18 -12.72
C PHE D 170 19.73 4.43 -13.57
N LEU D 171 20.35 5.61 -13.48
CA LEU D 171 21.48 5.90 -14.34
C LEU D 171 22.68 4.93 -14.25
N PHE D 172 22.92 4.30 -13.12
CA PHE D 172 24.08 3.36 -13.09
C PHE D 172 23.78 2.05 -13.86
N TYR D 173 22.51 1.75 -14.12
CA TYR D 173 22.21 0.44 -14.70
C TYR D 173 22.50 0.08 -16.15
N SER D 174 22.63 1.05 -17.04
CA SER D 174 22.94 0.65 -18.40
C SER D 174 24.37 0.14 -18.33
N GLY D 175 25.09 0.54 -17.28
CA GLY D 175 26.47 0.07 -17.12
C GLY D 175 26.59 -1.21 -16.32
N PHE D 176 25.80 -1.37 -15.27
CA PHE D 176 25.90 -2.57 -14.43
C PHE D 176 25.53 -3.84 -15.16
N TYR D 177 24.73 -3.68 -16.21
CA TYR D 177 24.28 -4.82 -17.01
C TYR D 177 25.46 -5.65 -17.51
N LEU D 178 26.40 -4.98 -18.14
CA LEU D 178 27.55 -5.68 -18.73
C LEU D 178 28.29 -6.64 -17.79
N PRO D 179 28.71 -6.17 -16.61
CA PRO D 179 29.40 -7.12 -15.74
C PRO D 179 28.48 -8.26 -15.25
N MET D 180 27.21 -7.97 -15.02
CA MET D 180 26.31 -9.02 -14.58
C MET D 180 26.10 -10.04 -15.70
N TYR D 181 26.03 -9.57 -16.94
CA TYR D 181 25.87 -10.49 -18.06
C TYR D 181 27.14 -11.36 -18.25
N LEU D 182 28.30 -10.71 -18.29
CA LEU D 182 29.56 -11.45 -18.46
C LEU D 182 29.75 -12.46 -17.36
N SER D 183 29.43 -12.06 -16.14
CA SER D 183 29.60 -12.97 -15.02
C SER D 183 28.73 -14.21 -15.18
N SER D 184 27.55 -14.03 -15.77
CA SER D 184 26.64 -15.16 -15.98
C SER D 184 27.29 -16.08 -17.05
N ARG D 185 28.23 -15.53 -17.81
CA ARG D 185 28.94 -16.28 -18.85
C ARG D 185 30.30 -16.75 -18.29
N ALA D 186 30.43 -16.77 -16.97
CA ALA D 186 31.68 -17.17 -16.34
C ALA D 186 32.88 -16.29 -16.77
N LYS D 187 32.63 -15.02 -17.10
CA LYS D 187 33.70 -14.10 -17.49
C LYS D 187 33.73 -12.92 -16.51
N LEU D 188 34.92 -12.42 -16.21
CA LEU D 188 35.12 -11.31 -15.26
C LEU D 188 34.36 -11.53 -13.97
N THR D 189 34.45 -12.74 -13.41
CA THR D 189 33.70 -13.05 -12.20
C THR D 189 34.13 -12.32 -10.95
N ASN D 190 35.41 -12.04 -10.79
CA ASN D 190 35.81 -11.31 -9.59
C ASN D 190 35.43 -9.81 -9.71
N THR D 191 35.48 -9.30 -10.93
CA THR D 191 35.08 -7.91 -11.21
C THR D 191 33.60 -7.79 -10.84
N ALA D 192 32.80 -8.79 -11.19
CA ALA D 192 31.36 -8.82 -10.90
C ALA D 192 31.09 -8.78 -9.40
N ASP D 193 32.00 -9.35 -8.60
CA ASP D 193 31.91 -9.32 -7.13
C ASP D 193 32.07 -7.88 -6.64
N ILE D 194 32.94 -7.12 -7.30
CA ILE D 194 33.11 -5.70 -6.93
C ILE D 194 31.81 -4.97 -7.30
N ILE D 195 31.30 -5.21 -8.51
CA ILE D 195 30.06 -4.58 -8.94
C ILE D 195 28.88 -4.93 -7.99
N ARG D 196 28.80 -6.16 -7.50
CA ARG D 196 27.75 -6.49 -6.55
C ARG D 196 27.91 -5.71 -5.25
N LEU D 197 29.15 -5.49 -4.79
CA LEU D 197 29.34 -4.70 -3.55
C LEU D 197 28.89 -3.26 -3.80
N ILE D 198 29.15 -2.76 -5.02
CA ILE D 198 28.74 -1.41 -5.38
C ILE D 198 27.20 -1.31 -5.42
N ILE D 199 26.57 -2.28 -6.07
CA ILE D 199 25.10 -2.28 -6.16
C ILE D 199 24.49 -2.37 -4.77
N ARG D 200 25.11 -3.16 -3.91
CA ARG D 200 24.61 -3.36 -2.55
C ARG D 200 24.57 -2.00 -1.83
N ASP D 201 25.44 -1.08 -2.25
CA ASP D 201 25.49 0.26 -1.68
C ASP D 201 24.46 1.17 -2.37
N GLU D 202 24.51 1.23 -3.72
CA GLU D 202 23.63 2.12 -4.48
C GLU D 202 22.17 1.81 -4.20
N SER D 203 21.88 0.54 -3.96
CA SER D 203 20.51 0.07 -3.71
C SER D 203 20.01 0.80 -2.46
N VAL D 204 20.86 0.83 -1.46
CA VAL D 204 20.51 1.49 -0.20
C VAL D 204 20.49 2.99 -0.38
N HIS D 205 21.47 3.53 -1.11
CA HIS D 205 21.52 4.98 -1.37
C HIS D 205 20.23 5.53 -1.99
N GLY D 206 19.79 4.87 -3.05
CA GLY D 206 18.59 5.27 -3.78
C GLY D 206 17.34 5.14 -2.91
N TYR D 207 17.26 4.04 -2.15
CA TYR D 207 16.12 3.83 -1.28
C TYR D 207 16.01 4.96 -0.23
N TYR D 208 17.14 5.25 0.41
CA TYR D 208 17.23 6.27 1.46
C TYR D 208 16.98 7.69 1.03
N ILE D 209 17.62 8.08 -0.07
CA ILE D 209 17.44 9.44 -0.56
C ILE D 209 16.02 9.60 -1.11
N GLY D 210 15.49 8.52 -1.67
CA GLY D 210 14.14 8.59 -2.22
C GLY D 210 13.17 8.70 -1.04
N TYR D 211 13.47 7.99 0.04
CA TYR D 211 12.64 8.04 1.25
C TYR D 211 12.62 9.50 1.77
N LYS D 212 13.77 10.16 1.81
CA LYS D 212 13.83 11.54 2.27
C LYS D 212 13.08 12.52 1.33
N TYR D 213 13.06 12.22 0.03
CA TYR D 213 12.34 13.05 -0.91
C TYR D 213 10.85 12.98 -0.55
N GLN D 214 10.32 11.77 -0.41
CA GLN D 214 8.90 11.58 -0.05
C GLN D 214 8.52 12.32 1.24
N GLN D 215 9.35 12.24 2.28
CA GLN D 215 9.06 12.95 3.52
C GLN D 215 8.94 14.45 3.24
N GLY D 216 9.88 14.95 2.45
CA GLY D 216 9.91 16.36 2.12
C GLY D 216 8.75 16.85 1.28
N VAL D 217 8.45 16.09 0.24
CA VAL D 217 7.39 16.48 -0.72
C VAL D 217 6.00 16.47 -0.09
N LYS D 218 5.83 15.61 0.90
CA LYS D 218 4.56 15.50 1.61
C LYS D 218 4.33 16.62 2.62
N LYS D 219 5.23 17.60 2.64
CA LYS D 219 5.11 18.75 3.51
C LYS D 219 4.50 19.87 2.70
N LEU D 220 4.41 19.69 1.40
CA LEU D 220 3.89 20.72 0.50
C LEU D 220 2.38 20.63 0.20
N SER D 221 1.81 21.68 -0.37
CA SER D 221 0.38 21.64 -0.66
C SER D 221 0.17 20.56 -1.70
N GLU D 222 -1.02 19.97 -1.74
CA GLU D 222 -1.27 18.94 -2.73
C GLU D 222 -1.01 19.40 -4.16
N ALA D 223 -1.09 20.70 -4.40
CA ALA D 223 -0.82 21.23 -5.74
C ALA D 223 0.68 21.13 -6.05
N GLU D 224 1.52 21.60 -5.14
CA GLU D 224 2.94 21.53 -5.37
C GLU D 224 3.31 20.04 -5.46
N GLN D 225 2.67 19.18 -4.67
CA GLN D 225 3.00 17.76 -4.74
C GLN D 225 2.75 17.26 -6.16
N GLU D 226 1.67 17.72 -6.80
CA GLU D 226 1.42 17.27 -8.16
C GLU D 226 2.42 17.83 -9.19
N GLU D 227 2.94 19.02 -8.91
CA GLU D 227 3.96 19.62 -9.78
C GLU D 227 5.26 18.82 -9.62
N TYR D 228 5.55 18.38 -8.42
CA TYR D 228 6.78 17.61 -8.24
C TYR D 228 6.65 16.26 -8.89
N LYS D 229 5.48 15.64 -8.73
CA LYS D 229 5.31 14.34 -9.36
C LYS D 229 5.44 14.51 -10.88
N ALA D 230 4.83 15.56 -11.43
CA ALA D 230 4.89 15.82 -12.88
C ALA D 230 6.35 16.07 -13.34
N TYR D 231 7.08 16.85 -12.56
CA TYR D 231 8.50 17.14 -12.83
C TYR D 231 9.27 15.81 -12.80
N THR D 232 9.08 15.01 -11.74
CA THR D 232 9.80 13.72 -11.66
C THR D 232 9.60 12.84 -12.93
N PHE D 233 8.35 12.65 -13.34
CA PHE D 233 8.07 11.84 -14.52
C PHE D 233 8.70 12.44 -15.80
N ASP D 234 8.63 13.75 -15.96
CA ASP D 234 9.26 14.36 -17.12
C ASP D 234 10.77 14.16 -17.11
N LEU D 235 11.41 14.27 -15.93
CA LEU D 235 12.88 14.11 -15.89
C LEU D 235 13.22 12.68 -16.24
N MET D 236 12.54 11.75 -15.57
CA MET D 236 12.75 10.34 -15.77
C MET D 236 12.66 10.04 -17.25
N TYR D 237 11.63 10.59 -17.90
CA TYR D 237 11.43 10.36 -19.33
C TYR D 237 12.58 10.91 -20.15
N ASP D 238 13.03 12.13 -19.83
CA ASP D 238 14.18 12.70 -20.56
C ASP D 238 15.44 11.84 -20.28
N LEU D 239 15.70 11.51 -19.02
CA LEU D 239 16.91 10.71 -18.75
C LEU D 239 16.81 9.36 -19.41
N TYR D 240 15.61 8.79 -19.41
CA TYR D 240 15.42 7.47 -20.04
C TYR D 240 15.75 7.54 -21.52
N GLU D 241 15.20 8.54 -22.18
CA GLU D 241 15.43 8.69 -23.61
C GLU D 241 16.93 8.82 -23.95
N ASN D 242 17.63 9.64 -23.16
CA ASN D 242 19.06 9.84 -23.39
C ASN D 242 19.89 8.58 -23.08
N GLU D 243 19.45 7.81 -22.09
CA GLU D 243 20.13 6.57 -21.72
C GLU D 243 19.96 5.53 -22.80
N ILE D 244 18.82 5.54 -23.50
CA ILE D 244 18.60 4.56 -24.56
C ILE D 244 19.58 4.81 -25.70
N GLU D 245 19.90 6.07 -25.98
CA GLU D 245 20.86 6.42 -27.03
C GLU D 245 22.27 6.06 -26.58
N TYR D 246 22.54 6.29 -25.31
CA TYR D 246 23.82 5.96 -24.75
C TYR D 246 23.95 4.43 -24.87
N THR D 247 22.88 3.72 -24.55
CA THR D 247 22.86 2.26 -24.60
C THR D 247 23.06 1.67 -26.00
N GLU D 248 22.43 2.26 -27.01
CA GLU D 248 22.57 1.75 -28.37
C GLU D 248 24.05 1.83 -28.75
N ASP D 249 24.66 2.99 -28.50
CA ASP D 249 26.07 3.21 -28.80
C ASP D 249 27.04 2.28 -28.07
N ILE D 250 26.71 1.87 -26.85
CA ILE D 250 27.60 1.01 -26.10
C ILE D 250 27.42 -0.43 -26.55
N TYR D 251 26.15 -0.85 -26.62
CA TYR D 251 25.77 -2.23 -26.91
C TYR D 251 25.36 -2.69 -28.32
N ASP D 252 25.15 -1.80 -29.27
CA ASP D 252 24.70 -2.31 -30.56
C ASP D 252 25.69 -3.19 -31.30
N ASP D 253 26.96 -2.83 -31.26
CA ASP D 253 27.98 -3.63 -31.91
C ASP D 253 27.81 -5.06 -31.42
N LEU D 254 27.73 -5.23 -30.09
CA LEU D 254 27.57 -6.54 -29.47
C LEU D 254 26.19 -7.17 -29.64
N GLY D 255 25.17 -6.35 -29.94
CA GLY D 255 23.83 -6.89 -30.08
C GLY D 255 23.11 -7.27 -28.76
N TRP D 256 23.40 -6.57 -27.66
CA TRP D 256 22.75 -6.87 -26.37
C TRP D 256 21.66 -5.84 -26.05
N THR D 257 21.67 -4.75 -26.82
CA THR D 257 20.80 -3.60 -26.65
C THR D 257 19.38 -3.83 -26.23
N GLU D 258 18.81 -4.95 -26.66
CA GLU D 258 17.42 -5.25 -26.35
C GLU D 258 17.19 -5.62 -24.91
N ASP D 259 17.93 -6.61 -24.42
CA ASP D 259 17.75 -7.02 -23.03
C ASP D 259 18.20 -5.90 -22.08
N VAL D 260 19.12 -5.04 -22.53
CA VAL D 260 19.58 -3.93 -21.68
C VAL D 260 18.43 -2.90 -21.58
N LYS D 261 17.74 -2.63 -22.69
CA LYS D 261 16.62 -1.69 -22.66
C LYS D 261 15.57 -2.16 -21.66
N ARG D 262 15.31 -3.46 -21.58
CA ARG D 262 14.34 -3.94 -20.58
C ARG D 262 14.90 -3.74 -19.16
N PHE D 263 16.21 -3.89 -19.00
CA PHE D 263 16.87 -3.71 -17.69
C PHE D 263 16.68 -2.24 -17.27
N LEU D 264 16.80 -1.36 -18.24
CA LEU D 264 16.60 0.06 -18.02
C LEU D 264 15.18 0.35 -17.52
N ARG D 265 14.18 -0.21 -18.21
CA ARG D 265 12.79 -0.02 -17.86
C ARG D 265 12.51 -0.64 -16.49
N TYR D 266 13.15 -1.77 -16.24
CA TYR D 266 12.99 -2.42 -14.97
C TYR D 266 13.55 -1.53 -13.82
N ASN D 267 14.68 -0.88 -14.04
CA ASN D 267 15.24 -0.07 -12.95
C ASN D 267 14.60 1.30 -12.83
N ALA D 268 14.05 1.77 -13.95
CA ALA D 268 13.37 3.04 -13.97
C ALA D 268 12.18 2.91 -13.01
N ASN D 269 11.43 1.81 -13.12
CA ASN D 269 10.29 1.65 -12.23
C ASN D 269 10.74 1.60 -10.78
N LYS D 270 11.84 0.91 -10.49
CA LYS D 270 12.32 0.88 -9.11
C LYS D 270 12.72 2.28 -8.62
N ALA D 271 13.31 3.06 -9.51
CA ALA D 271 13.73 4.42 -9.15
C ALA D 271 12.47 5.28 -8.81
N LEU D 272 11.41 5.18 -9.62
CA LEU D 272 10.18 5.95 -9.36
C LEU D 272 9.56 5.46 -8.08
N ASN D 273 9.57 4.15 -7.87
CA ASN D 273 9.05 3.54 -6.64
C ASN D 273 9.80 4.10 -5.42
N ASN D 274 11.12 4.17 -5.50
CA ASN D 274 11.91 4.72 -4.38
C ASN D 274 11.49 6.19 -4.09
N LEU D 275 10.92 6.86 -5.10
CA LEU D 275 10.49 8.24 -4.91
C LEU D 275 9.01 8.30 -4.47
N GLY D 276 8.39 7.14 -4.31
CA GLY D 276 7.00 7.07 -3.88
C GLY D 276 5.99 7.14 -5.01
N TYR D 277 6.41 6.83 -6.23
CA TYR D 277 5.49 6.87 -7.33
C TYR D 277 5.38 5.51 -8.00
N GLU D 278 4.31 5.30 -8.75
CA GLU D 278 4.12 4.03 -9.48
C GLU D 278 5.07 4.04 -10.70
N GLY D 279 5.37 2.86 -11.23
CA GLY D 279 6.26 2.77 -12.38
C GLY D 279 5.73 3.47 -13.61
N LEU D 280 6.63 3.78 -14.53
CA LEU D 280 6.30 4.45 -15.79
C LEU D 280 6.17 3.43 -16.92
N PHE D 281 6.67 2.22 -16.68
CA PHE D 281 6.64 1.15 -17.67
C PHE D 281 5.81 0.04 -17.12
N PRO D 282 5.09 -0.67 -18.01
CA PRO D 282 4.24 -1.80 -17.65
C PRO D 282 5.20 -2.96 -17.34
N THR D 283 4.90 -3.74 -16.32
CA THR D 283 5.77 -4.86 -15.93
C THR D 283 6.15 -5.79 -17.08
N ASP D 284 5.20 -6.04 -17.98
CA ASP D 284 5.49 -6.93 -19.10
C ASP D 284 6.59 -6.32 -19.97
N GLU D 285 6.91 -5.05 -19.74
CA GLU D 285 7.97 -4.43 -20.53
C GLU D 285 9.30 -4.39 -19.79
N THR D 286 9.34 -4.98 -18.61
CA THR D 286 10.56 -4.96 -17.81
C THR D 286 11.11 -6.35 -17.53
N LYS D 287 10.64 -7.33 -18.30
CA LYS D 287 11.05 -8.70 -18.11
C LYS D 287 12.51 -8.96 -18.55
N VAL D 288 13.47 -8.53 -17.73
CA VAL D 288 14.89 -8.72 -17.98
C VAL D 288 15.19 -10.20 -17.76
N SER D 289 16.07 -10.80 -18.58
CA SER D 289 16.38 -12.23 -18.46
C SER D 289 16.83 -12.63 -17.04
N PRO D 290 16.49 -13.86 -16.63
CA PRO D 290 16.80 -14.43 -15.32
C PRO D 290 18.28 -14.48 -15.00
N ALA D 291 19.10 -14.66 -16.02
CA ALA D 291 20.54 -14.73 -15.83
C ALA D 291 21.06 -13.47 -15.12
N ILE D 292 20.58 -12.30 -15.56
CA ILE D 292 20.97 -11.00 -15.02
C ILE D 292 20.48 -10.86 -13.57
N LEU D 293 19.17 -10.87 -13.38
CA LEU D 293 18.59 -10.77 -12.03
C LEU D 293 19.23 -11.81 -11.08
N SER D 294 19.58 -12.96 -11.65
CA SER D 294 20.21 -14.03 -10.89
C SER D 294 21.60 -13.58 -10.49
N SER D 295 22.33 -12.95 -11.41
CA SER D 295 23.68 -12.46 -11.13
C SER D 295 23.72 -11.36 -10.07
N LEU D 296 22.66 -10.55 -10.00
CA LEU D 296 22.61 -9.46 -9.03
C LEU D 296 22.70 -9.97 -7.59
N SER D 297 22.44 -11.25 -7.39
CA SER D 297 22.52 -11.82 -6.05
C SER D 297 23.31 -13.13 -6.02
#